data_1WWF
#
_entry.id   1WWF
#
loop_
_entity.id
_entity.type
_entity.pdbx_description
1 polymer "5'-R(P*CP*CP*UP*CP*CP*GP*U)-3'"
2 polymer 'Nucleoprotein p10'
3 non-polymer 'ZINC ION'
#
loop_
_entity_poly.entity_id
_entity_poly.type
_entity_poly.pdbx_seq_one_letter_code
_entity_poly.pdbx_strand_id
1 'polyribonucleotide' CCUCCGU B
2 'polypeptide(L)' ATVVSGQKQDRQGGERRRSQLDRDQCAYCKEKGHWAKDCPKKPRGPRGPRPQTSLL A
#
# COMPACT_ATOMS: atom_id res chain seq x y z
N ALA B 1 -3.74 -31.94 5.48
CA ALA B 1 -3.95 -30.62 6.06
C ALA B 1 -2.99 -29.62 5.42
N THR B 2 -3.20 -28.35 5.74
CA THR B 2 -2.35 -27.30 5.21
C THR B 2 -1.30 -26.88 6.22
N VAL B 3 -0.05 -27.10 5.86
CA VAL B 3 1.06 -26.75 6.73
C VAL B 3 2.11 -25.99 5.94
N VAL B 4 2.68 -26.66 4.94
CA VAL B 4 3.69 -26.05 4.11
C VAL B 4 3.03 -25.47 2.85
N SER B 5 3.49 -24.29 2.47
CA SER B 5 2.95 -23.62 1.29
C SER B 5 3.90 -22.49 0.86
N GLY B 6 4.26 -22.53 -0.41
CA GLY B 6 5.15 -21.51 -0.96
C GLY B 6 4.48 -20.15 -0.98
N GLN B 7 5.25 -19.15 -1.39
CA GLN B 7 4.75 -17.79 -1.45
C GLN B 7 5.16 -17.13 -2.77
N LYS B 8 4.17 -16.57 -3.45
CA LYS B 8 4.40 -15.90 -4.72
C LYS B 8 4.13 -14.41 -4.57
N GLN B 9 5.20 -13.64 -4.52
CA GLN B 9 5.08 -12.20 -4.38
C GLN B 9 5.61 -11.50 -5.63
N ASP B 10 4.67 -10.98 -6.41
CA ASP B 10 5.04 -10.28 -7.64
C ASP B 10 5.06 -8.77 -7.38
N ARG B 11 6.26 -8.24 -7.25
CA ARG B 11 6.44 -6.82 -7.01
C ARG B 11 6.15 -6.02 -8.27
N GLN B 12 5.56 -4.85 -8.08
CA GLN B 12 5.22 -3.98 -9.20
C GLN B 12 4.58 -2.69 -8.70
N GLY B 13 4.83 -1.62 -9.43
CA GLY B 13 4.27 -0.32 -9.07
C GLY B 13 5.37 0.61 -8.57
N GLY B 14 5.09 1.91 -8.63
CA GLY B 14 6.04 2.91 -8.20
C GLY B 14 5.79 4.25 -8.89
N GLU B 15 4.74 4.93 -8.44
CA GLU B 15 4.39 6.22 -9.01
C GLU B 15 3.54 7.02 -8.01
N ARG B 16 4.20 7.46 -6.95
CA ARG B 16 3.53 8.24 -5.92
C ARG B 16 4.56 8.80 -4.94
N ARG B 17 4.07 9.68 -4.06
CA ARG B 17 4.92 10.30 -3.07
C ARG B 17 4.68 9.68 -1.70
N ARG B 18 5.78 9.30 -1.05
CA ARG B 18 5.69 8.70 0.27
C ARG B 18 5.61 9.78 1.35
N SER B 19 4.72 10.73 1.12
CA SER B 19 4.54 11.82 2.06
C SER B 19 4.56 11.29 3.50
N GLN B 20 5.73 11.38 4.10
CA GLN B 20 5.91 10.91 5.47
C GLN B 20 5.12 9.63 5.69
N LEU B 21 5.33 8.66 4.82
CA LEU B 21 4.65 7.39 4.90
C LEU B 21 4.69 6.90 6.35
N ASP B 22 3.57 7.06 7.03
CA ASP B 22 3.46 6.64 8.42
C ASP B 22 3.66 5.12 8.51
N ARG B 23 4.48 4.72 9.46
CA ARG B 23 4.77 3.31 9.66
C ARG B 23 3.50 2.57 10.10
N ASP B 24 2.47 3.35 10.40
CA ASP B 24 1.21 2.79 10.84
C ASP B 24 0.09 3.32 9.95
N GLN B 25 0.44 3.60 8.70
CA GLN B 25 -0.52 4.11 7.75
C GLN B 25 -0.78 3.08 6.64
N CYS B 26 -1.68 3.44 5.73
CA CYS B 26 -2.02 2.56 4.64
C CYS B 26 -1.47 3.16 3.34
N ALA B 27 -0.76 2.34 2.59
CA ALA B 27 -0.17 2.78 1.34
C ALA B 27 -1.08 2.36 0.18
N TYR B 28 -2.37 2.36 0.46
CA TYR B 28 -3.35 1.99 -0.55
C TYR B 28 -4.46 3.04 -0.66
N CYS B 29 -5.18 3.22 0.44
CA CYS B 29 -6.25 4.20 0.48
C CYS B 29 -5.73 5.47 1.14
N LYS B 30 -4.64 5.32 1.87
CA LYS B 30 -4.03 6.44 2.56
C LYS B 30 -4.67 6.59 3.95
N GLU B 31 -5.23 5.49 4.42
CA GLU B 31 -5.87 5.49 5.73
C GLU B 31 -4.85 5.19 6.83
N LYS B 32 -4.98 5.90 7.93
CA LYS B 32 -4.08 5.73 9.05
C LYS B 32 -4.75 4.84 10.10
N GLY B 33 -4.04 3.78 10.46
CA GLY B 33 -4.55 2.84 11.45
C GLY B 33 -4.38 1.40 10.98
N HIS B 34 -4.66 1.19 9.70
CA HIS B 34 -4.54 -0.13 9.12
C HIS B 34 -3.47 -0.12 8.03
N TRP B 35 -2.93 -1.30 7.77
CA TRP B 35 -1.90 -1.44 6.75
C TRP B 35 -2.57 -1.79 5.42
N ALA B 36 -1.85 -1.54 4.35
CA ALA B 36 -2.36 -1.82 3.01
C ALA B 36 -2.69 -3.30 2.90
N LYS B 37 -1.87 -4.11 3.57
CA LYS B 37 -2.07 -5.55 3.55
C LYS B 37 -3.35 -5.90 4.29
N ASP B 38 -3.91 -4.89 4.96
CA ASP B 38 -5.14 -5.08 5.71
C ASP B 38 -6.12 -3.95 5.35
N CYS B 39 -5.92 -3.39 4.17
CA CYS B 39 -6.78 -2.32 3.70
C CYS B 39 -8.20 -2.87 3.54
N PRO B 40 -9.16 -2.19 4.22
CA PRO B 40 -10.55 -2.60 4.16
C PRO B 40 -11.18 -2.21 2.82
N LYS B 41 -10.37 -1.60 1.98
CA LYS B 41 -10.82 -1.17 0.67
C LYS B 41 -10.47 -2.24 -0.37
N LYS B 42 -9.53 -3.09 0.01
CA LYS B 42 -9.09 -4.16 -0.86
C LYS B 42 -10.29 -5.05 -1.23
N PRO B 43 -10.21 -5.66 -2.44
CA PRO B 43 -11.27 -6.53 -2.91
C PRO B 43 -11.24 -7.88 -2.19
N ARG B 44 -12.39 -8.54 -2.19
CA ARG B 44 -12.50 -9.83 -1.55
C ARG B 44 -11.67 -10.88 -2.29
N GLY B 45 -11.50 -12.02 -1.64
CA GLY B 45 -10.73 -13.10 -2.23
C GLY B 45 -11.17 -14.46 -1.67
N PRO B 46 -10.57 -15.54 -2.23
CA PRO B 46 -9.58 -15.38 -3.29
C PRO B 46 -10.24 -15.02 -4.61
N ARG B 47 -9.63 -14.08 -5.31
CA ARG B 47 -10.16 -13.64 -6.59
C ARG B 47 -9.15 -12.72 -7.29
N GLY B 48 -8.25 -13.33 -8.04
CA GLY B 48 -7.23 -12.58 -8.75
C GLY B 48 -7.44 -12.69 -10.26
N PRO B 49 -6.88 -11.68 -10.99
CA PRO B 49 -7.00 -11.65 -12.44
C PRO B 49 -6.07 -12.68 -13.08
N ARG B 50 -6.45 -13.12 -14.27
CA ARG B 50 -5.67 -14.10 -15.00
C ARG B 50 -5.15 -13.49 -16.30
N PRO B 51 -3.93 -13.95 -16.72
CA PRO B 51 -3.33 -13.46 -17.94
C PRO B 51 -4.00 -14.06 -19.17
N GLN B 52 -4.24 -15.36 -19.10
CA GLN B 52 -4.89 -16.07 -20.20
C GLN B 52 -4.24 -15.69 -21.53
N THR B 53 -3.28 -16.51 -21.94
CA THR B 53 -2.57 -16.26 -23.18
C THR B 53 -3.31 -16.92 -24.35
N SER B 54 -3.21 -16.29 -25.51
CA SER B 54 -3.86 -16.80 -26.70
C SER B 54 -3.32 -16.08 -27.94
N LEU B 55 -2.31 -16.69 -28.55
CA LEU B 55 -1.70 -16.12 -29.74
C LEU B 55 -1.07 -14.78 -29.38
N LEU B 56 -0.04 -14.42 -30.15
CA LEU B 56 0.66 -13.17 -29.93
C LEU B 56 1.26 -13.16 -28.52
N ALA B 1 -28.12 42.51 -5.57
CA ALA B 1 -27.80 41.58 -6.63
C ALA B 1 -26.28 41.52 -6.79
N THR B 2 -25.64 40.84 -5.85
CA THR B 2 -24.19 40.70 -5.89
C THR B 2 -23.79 39.28 -5.49
N VAL B 3 -23.50 38.47 -6.50
CA VAL B 3 -23.10 37.10 -6.27
C VAL B 3 -21.69 36.88 -6.84
N VAL B 4 -20.77 36.58 -5.95
CA VAL B 4 -19.39 36.33 -6.35
C VAL B 4 -18.84 35.12 -5.59
N SER B 5 -18.00 34.37 -6.28
CA SER B 5 -17.41 33.18 -5.70
C SER B 5 -15.90 33.36 -5.56
N GLY B 6 -15.31 32.56 -4.69
CA GLY B 6 -13.87 32.62 -4.45
C GLY B 6 -13.28 31.22 -4.30
N GLN B 7 -13.42 30.67 -3.11
CA GLN B 7 -12.91 29.34 -2.83
C GLN B 7 -11.37 29.35 -2.90
N LYS B 8 -10.76 29.50 -1.74
CA LYS B 8 -9.30 29.51 -1.66
C LYS B 8 -8.79 28.07 -1.56
N GLN B 9 -8.04 27.69 -2.59
CA GLN B 9 -7.48 26.35 -2.63
C GLN B 9 -6.28 26.31 -3.59
N ASP B 10 -5.10 26.21 -3.01
CA ASP B 10 -3.88 26.17 -3.79
C ASP B 10 -3.26 24.77 -3.67
N ARG B 11 -3.31 24.04 -4.77
CA ARG B 11 -2.75 22.69 -4.80
C ARG B 11 -1.64 22.60 -5.85
N GLN B 12 -0.42 22.42 -5.36
CA GLN B 12 0.73 22.32 -6.23
C GLN B 12 1.46 20.99 -6.00
N GLY B 13 0.89 19.94 -6.56
CA GLY B 13 1.47 18.61 -6.42
C GLY B 13 1.26 18.06 -5.01
N GLY B 14 2.34 18.00 -4.26
CA GLY B 14 2.28 17.50 -2.89
C GLY B 14 2.27 15.97 -2.87
N GLU B 15 1.17 15.41 -3.37
CA GLU B 15 1.03 13.97 -3.41
C GLU B 15 2.25 13.33 -4.06
N ARG B 16 3.01 12.60 -3.25
CA ARG B 16 4.20 11.94 -3.74
C ARG B 16 4.07 10.42 -3.59
N ARG B 17 5.15 9.73 -3.89
CA ARG B 17 5.17 8.27 -3.79
C ARG B 17 4.58 7.83 -2.45
N ARG B 18 5.36 8.05 -1.40
CA ARG B 18 4.92 7.68 -0.07
C ARG B 18 4.59 8.93 0.75
N SER B 19 3.64 9.69 0.24
CA SER B 19 3.22 10.91 0.91
C SER B 19 2.94 10.62 2.40
N GLN B 20 3.80 11.16 3.24
CA GLN B 20 3.65 10.96 4.67
C GLN B 20 3.19 9.53 4.98
N LEU B 21 3.86 8.58 4.33
CA LEU B 21 3.53 7.18 4.52
C LEU B 21 4.09 6.71 5.85
N ASP B 22 3.37 7.01 6.91
CA ASP B 22 3.78 6.63 8.25
C ASP B 22 3.87 5.11 8.33
N ARG B 23 4.55 4.63 9.37
CA ARG B 23 4.73 3.22 9.57
C ARG B 23 3.39 2.56 9.91
N ASP B 24 2.38 3.40 10.09
CA ASP B 24 1.05 2.92 10.43
C ASP B 24 0.03 3.57 9.48
N GLN B 25 0.52 3.98 8.32
CA GLN B 25 -0.33 4.62 7.33
C GLN B 25 -0.51 3.70 6.12
N CYS B 26 -1.77 3.37 5.85
CA CYS B 26 -2.09 2.51 4.73
C CYS B 26 -1.50 3.12 3.47
N ALA B 27 -0.77 2.30 2.72
CA ALA B 27 -0.16 2.75 1.48
C ALA B 27 -1.04 2.36 0.30
N TYR B 28 -2.34 2.35 0.56
CA TYR B 28 -3.30 1.99 -0.47
C TYR B 28 -4.39 3.05 -0.59
N CYS B 29 -5.15 3.21 0.48
CA CYS B 29 -6.22 4.18 0.52
C CYS B 29 -5.70 5.46 1.16
N LYS B 30 -4.68 5.29 1.99
CA LYS B 30 -4.08 6.42 2.69
C LYS B 30 -4.75 6.59 4.05
N GLU B 31 -5.29 5.49 4.55
CA GLU B 31 -5.96 5.51 5.84
C GLU B 31 -5.00 5.08 6.94
N LYS B 32 -4.80 5.97 7.90
CA LYS B 32 -3.91 5.70 9.02
C LYS B 32 -4.65 4.85 10.06
N GLY B 33 -4.03 3.73 10.42
CA GLY B 33 -4.62 2.84 11.40
C GLY B 33 -4.46 1.39 10.98
N HIS B 34 -4.69 1.15 9.69
CA HIS B 34 -4.57 -0.19 9.14
C HIS B 34 -3.49 -0.21 8.07
N TRP B 35 -2.94 -1.41 7.85
CA TRP B 35 -1.89 -1.58 6.87
C TRP B 35 -2.56 -1.88 5.52
N ALA B 36 -1.81 -1.63 4.45
CA ALA B 36 -2.31 -1.87 3.12
C ALA B 36 -2.68 -3.34 2.96
N LYS B 37 -1.90 -4.19 3.62
CA LYS B 37 -2.13 -5.62 3.57
C LYS B 37 -3.46 -5.94 4.25
N ASP B 38 -4.00 -4.94 4.93
CA ASP B 38 -5.26 -5.09 5.63
C ASP B 38 -6.23 -3.98 5.20
N CYS B 39 -5.95 -3.41 4.05
CA CYS B 39 -6.77 -2.34 3.51
C CYS B 39 -8.16 -2.91 3.21
N PRO B 40 -9.20 -2.25 3.79
CA PRO B 40 -10.57 -2.68 3.59
C PRO B 40 -11.06 -2.30 2.18
N LYS B 41 -10.16 -1.68 1.42
CA LYS B 41 -10.49 -1.26 0.08
C LYS B 41 -10.03 -2.33 -0.91
N LYS B 42 -9.10 -3.14 -0.46
CA LYS B 42 -8.56 -4.21 -1.29
C LYS B 42 -9.36 -5.49 -1.04
N PRO B 43 -9.56 -6.27 -2.14
CA PRO B 43 -10.30 -7.52 -2.04
C PRO B 43 -9.44 -8.61 -1.38
N ARG B 44 -8.93 -8.29 -0.20
CA ARG B 44 -8.10 -9.22 0.53
C ARG B 44 -6.88 -9.63 -0.31
N GLY B 45 -5.71 -9.33 0.24
CA GLY B 45 -4.47 -9.66 -0.44
C GLY B 45 -3.73 -10.79 0.27
N PRO B 46 -2.60 -11.22 -0.35
CA PRO B 46 -2.15 -10.61 -1.59
C PRO B 46 -3.01 -11.08 -2.78
N ARG B 47 -2.86 -10.37 -3.88
CA ARG B 47 -3.62 -10.69 -5.08
C ARG B 47 -3.13 -9.83 -6.26
N GLY B 48 -2.72 -10.51 -7.31
CA GLY B 48 -2.24 -9.82 -8.51
C GLY B 48 -2.24 -10.76 -9.71
N PRO B 49 -1.30 -10.48 -10.65
CA PRO B 49 -1.18 -11.28 -11.86
C PRO B 49 -0.52 -12.62 -11.55
N ARG B 50 -1.35 -13.58 -11.16
CA ARG B 50 -0.86 -14.91 -10.84
C ARG B 50 -1.85 -15.97 -11.31
N PRO B 51 -1.30 -17.15 -11.68
CA PRO B 51 -2.12 -18.25 -12.15
C PRO B 51 -2.85 -18.93 -10.98
N GLN B 52 -2.06 -19.44 -10.04
CA GLN B 52 -2.62 -20.10 -8.88
C GLN B 52 -3.77 -21.02 -9.30
N THR B 53 -3.43 -22.27 -9.53
CA THR B 53 -4.41 -23.25 -9.95
C THR B 53 -5.03 -22.87 -11.29
N SER B 54 -5.95 -21.90 -11.23
CA SER B 54 -6.61 -21.44 -12.43
C SER B 54 -7.60 -22.50 -12.93
N LEU B 55 -8.86 -22.10 -13.00
CA LEU B 55 -9.90 -23.00 -13.46
C LEU B 55 -11.22 -22.23 -13.59
N LEU B 56 -11.36 -21.55 -14.70
CA LEU B 56 -12.56 -20.77 -14.96
C LEU B 56 -13.46 -21.53 -15.93
N ALA B 1 16.48 39.06 -3.20
CA ALA B 1 16.75 37.94 -2.31
C ALA B 1 17.82 37.04 -2.94
N THR B 2 18.82 36.70 -2.15
CA THR B 2 19.89 35.84 -2.62
C THR B 2 19.36 34.45 -2.96
N VAL B 3 19.69 34.00 -4.17
CA VAL B 3 19.25 32.70 -4.62
C VAL B 3 20.22 31.63 -4.10
N VAL B 4 19.75 30.39 -4.12
CA VAL B 4 20.56 29.28 -3.65
C VAL B 4 20.01 27.98 -4.23
N SER B 5 20.90 27.01 -4.39
CA SER B 5 20.52 25.72 -4.93
C SER B 5 21.65 24.71 -4.70
N GLY B 6 21.34 23.69 -3.92
CA GLY B 6 22.30 22.64 -3.62
C GLY B 6 21.67 21.54 -2.78
N GLN B 7 22.13 20.31 -3.03
CA GLN B 7 21.62 19.16 -2.31
C GLN B 7 22.72 18.11 -2.14
N LYS B 8 22.88 17.67 -0.90
CA LYS B 8 23.88 16.67 -0.59
C LYS B 8 23.22 15.29 -0.49
N GLN B 9 23.85 14.32 -1.12
CA GLN B 9 23.33 12.96 -1.11
C GLN B 9 24.48 11.95 -1.24
N ASP B 10 25.19 11.77 -0.13
CA ASP B 10 26.31 10.84 -0.11
C ASP B 10 25.95 9.64 0.75
N ARG B 11 25.88 8.48 0.12
CA ARG B 11 25.56 7.25 0.82
C ARG B 11 24.26 7.41 1.60
N GLN B 12 23.18 6.88 1.04
CA GLN B 12 21.87 6.97 1.68
C GLN B 12 21.12 5.64 1.54
N GLY B 13 20.38 5.31 2.58
CA GLY B 13 19.61 4.09 2.58
C GLY B 13 18.12 4.36 2.35
N GLY B 14 17.75 4.43 1.08
CA GLY B 14 16.37 4.69 0.72
C GLY B 14 16.15 4.49 -0.78
N GLU B 15 15.82 3.25 -1.14
CA GLU B 15 15.59 2.91 -2.54
C GLU B 15 14.79 4.03 -3.21
N ARG B 16 13.59 4.27 -2.69
CA ARG B 16 12.73 5.30 -3.25
C ARG B 16 11.83 5.87 -2.15
N ARG B 17 11.84 7.20 -2.07
CA ARG B 17 11.03 7.88 -1.07
C ARG B 17 9.59 7.37 -1.12
N ARG B 18 8.92 7.50 0.02
CA ARG B 18 7.54 7.05 0.12
C ARG B 18 6.75 7.98 1.05
N SER B 19 6.90 9.27 0.81
CA SER B 19 6.21 10.27 1.61
C SER B 19 6.22 9.86 3.08
N GLN B 20 7.42 9.57 3.58
CA GLN B 20 7.58 9.17 4.96
C GLN B 20 6.43 8.24 5.38
N LEU B 21 6.22 7.21 4.58
CA LEU B 21 5.16 6.26 4.86
C LEU B 21 5.10 6.00 6.37
N ASP B 22 4.05 6.49 6.99
CA ASP B 22 3.86 6.32 8.42
C ASP B 22 3.68 4.83 8.72
N ARG B 23 4.29 4.41 9.83
CA ARG B 23 4.21 3.03 10.24
C ARG B 23 2.76 2.64 10.55
N ASP B 24 1.92 3.67 10.62
CA ASP B 24 0.51 3.46 10.91
C ASP B 24 -0.33 4.14 9.83
N GLN B 25 0.19 4.12 8.61
CA GLN B 25 -0.49 4.75 7.49
C GLN B 25 -0.62 3.75 6.33
N CYS B 26 -1.86 3.50 5.94
CA CYS B 26 -2.14 2.58 4.85
C CYS B 26 -1.52 3.15 3.58
N ALA B 27 -0.83 2.27 2.85
CA ALA B 27 -0.19 2.67 1.60
C ALA B 27 -1.06 2.24 0.43
N TYR B 28 -2.37 2.25 0.67
CA TYR B 28 -3.32 1.87 -0.36
C TYR B 28 -4.41 2.93 -0.52
N CYS B 29 -5.18 3.11 0.54
CA CYS B 29 -6.25 4.08 0.54
C CYS B 29 -5.71 5.41 1.08
N LYS B 30 -4.62 5.29 1.82
CA LYS B 30 -3.99 6.48 2.41
C LYS B 30 -4.58 6.72 3.80
N GLU B 31 -5.13 5.66 4.37
CA GLU B 31 -5.73 5.75 5.69
C GLU B 31 -4.64 5.74 6.76
N LYS B 32 -5.08 5.76 8.01
CA LYS B 32 -4.15 5.76 9.14
C LYS B 32 -4.69 4.83 10.22
N GLY B 33 -3.98 3.73 10.42
CA GLY B 33 -4.36 2.75 11.42
C GLY B 33 -4.09 1.33 10.93
N HIS B 34 -4.69 1.01 9.79
CA HIS B 34 -4.53 -0.31 9.20
C HIS B 34 -3.41 -0.27 8.15
N TRP B 35 -3.02 -1.46 7.71
CA TRP B 35 -1.97 -1.58 6.72
C TRP B 35 -2.62 -1.89 5.37
N ALA B 36 -1.88 -1.62 4.31
CA ALA B 36 -2.37 -1.88 2.96
C ALA B 36 -2.73 -3.36 2.82
N LYS B 37 -1.91 -4.19 3.46
CA LYS B 37 -2.13 -5.62 3.41
C LYS B 37 -3.43 -5.96 4.14
N ASP B 38 -3.95 -4.98 4.86
CA ASP B 38 -5.19 -5.16 5.59
C ASP B 38 -6.15 -4.02 5.25
N CYS B 39 -5.96 -3.47 4.07
CA CYS B 39 -6.80 -2.37 3.61
C CYS B 39 -8.21 -2.91 3.41
N PRO B 40 -9.21 -2.16 3.96
CA PRO B 40 -10.59 -2.55 3.83
C PRO B 40 -11.13 -2.28 2.42
N LYS B 41 -10.24 -1.77 1.59
CA LYS B 41 -10.60 -1.46 0.22
C LYS B 41 -10.15 -2.60 -0.70
N LYS B 42 -9.21 -3.38 -0.19
CA LYS B 42 -8.68 -4.51 -0.95
C LYS B 42 -9.80 -5.51 -1.20
N PRO B 43 -9.72 -6.17 -2.39
CA PRO B 43 -10.72 -7.16 -2.76
C PRO B 43 -10.52 -8.47 -1.98
N ARG B 44 -10.51 -8.34 -0.67
CA ARG B 44 -10.33 -9.49 0.20
C ARG B 44 -11.48 -10.48 0.02
N GLY B 45 -11.14 -11.66 -0.46
CA GLY B 45 -12.13 -12.70 -0.68
C GLY B 45 -11.90 -13.41 -2.02
N PRO B 46 -12.74 -14.45 -2.28
CA PRO B 46 -13.76 -14.82 -1.33
C PRO B 46 -13.16 -15.56 -0.13
N ARG B 47 -13.85 -15.46 0.99
CA ARG B 47 -13.40 -16.11 2.21
C ARG B 47 -13.37 -17.63 2.03
N GLY B 48 -12.30 -18.23 2.50
CA GLY B 48 -12.14 -19.67 2.39
C GLY B 48 -10.90 -20.15 3.16
N PRO B 49 -10.47 -21.40 2.85
CA PRO B 49 -9.31 -21.98 3.51
C PRO B 49 -8.02 -21.37 2.96
N ARG B 50 -7.09 -21.14 3.88
CA ARG B 50 -5.81 -20.56 3.50
C ARG B 50 -4.85 -21.65 3.02
N PRO B 51 -4.00 -21.28 2.04
CA PRO B 51 -3.04 -22.22 1.48
C PRO B 51 -1.88 -22.44 2.45
N GLN B 52 -1.26 -23.60 2.31
CA GLN B 52 -0.13 -23.96 3.17
C GLN B 52 1.13 -23.20 2.72
N THR B 53 2.06 -23.08 3.65
CA THR B 53 3.32 -22.39 3.35
C THR B 53 4.38 -23.38 2.90
N SER B 54 4.99 -23.07 1.77
CA SER B 54 6.02 -23.93 1.21
C SER B 54 7.37 -23.60 1.85
N LEU B 55 8.33 -24.50 1.62
CA LEU B 55 9.66 -24.30 2.17
C LEU B 55 10.70 -24.70 1.11
N LEU B 56 10.83 -23.85 0.10
CA LEU B 56 11.78 -24.09 -0.96
C LEU B 56 13.20 -23.86 -0.45
N ALA B 1 -31.05 25.56 -15.33
CA ALA B 1 -30.53 25.00 -14.09
C ALA B 1 -29.40 24.02 -14.42
N THR B 2 -28.29 24.18 -13.71
CA THR B 2 -27.14 23.32 -13.93
C THR B 2 -26.43 23.04 -12.60
N VAL B 3 -26.07 21.78 -12.41
CA VAL B 3 -25.39 21.36 -11.20
C VAL B 3 -24.23 22.31 -10.92
N VAL B 4 -24.04 22.59 -9.63
CA VAL B 4 -22.97 23.49 -9.22
C VAL B 4 -21.64 23.00 -9.81
N SER B 5 -20.61 23.81 -9.62
CA SER B 5 -19.29 23.47 -10.11
C SER B 5 -18.33 23.22 -8.94
N GLY B 6 -17.46 22.24 -9.14
CA GLY B 6 -16.49 21.89 -8.11
C GLY B 6 -15.07 22.20 -8.58
N GLN B 7 -14.23 22.56 -7.61
CA GLN B 7 -12.84 22.88 -7.91
C GLN B 7 -11.96 21.65 -7.73
N LYS B 8 -10.76 21.72 -8.28
CA LYS B 8 -9.81 20.63 -8.18
C LYS B 8 -8.44 21.18 -7.81
N GLN B 9 -7.72 20.41 -7.00
CA GLN B 9 -6.40 20.80 -6.57
C GLN B 9 -5.33 19.94 -7.25
N ASP B 10 -4.10 20.44 -7.22
CA ASP B 10 -2.99 19.73 -7.83
C ASP B 10 -1.69 20.13 -7.14
N ARG B 11 -0.93 19.12 -6.74
CA ARG B 11 0.34 19.35 -6.06
C ARG B 11 1.48 18.74 -6.87
N GLN B 12 2.40 19.61 -7.28
CA GLN B 12 3.56 19.17 -8.06
C GLN B 12 4.32 18.09 -7.30
N GLY B 13 4.68 18.42 -6.06
CA GLY B 13 5.41 17.49 -5.22
C GLY B 13 6.36 18.23 -4.28
N GLY B 14 7.37 18.86 -4.88
CA GLY B 14 8.34 19.61 -4.10
C GLY B 14 9.45 18.68 -3.57
N GLU B 15 9.35 18.36 -2.29
CA GLU B 15 10.32 17.50 -1.66
C GLU B 15 9.62 16.46 -0.78
N ARG B 16 9.44 15.28 -1.35
CA ARG B 16 8.79 14.18 -0.64
C ARG B 16 9.32 12.84 -1.13
N ARG B 17 9.52 11.94 -0.17
CA ARG B 17 10.01 10.61 -0.49
C ARG B 17 8.86 9.67 -0.82
N ARG B 18 8.08 9.35 0.21
CA ARG B 18 6.95 8.46 0.05
C ARG B 18 5.71 9.06 0.73
N SER B 19 5.47 10.33 0.44
CA SER B 19 4.33 11.02 1.01
C SER B 19 4.25 10.75 2.51
N GLN B 20 5.41 10.82 3.16
CA GLN B 20 5.48 10.59 4.60
C GLN B 20 4.74 9.30 4.96
N LEU B 21 4.99 8.27 4.16
CA LEU B 21 4.36 6.98 4.40
C LEU B 21 4.55 6.58 5.87
N ASP B 22 3.51 6.81 6.65
CA ASP B 22 3.55 6.48 8.06
C ASP B 22 3.79 4.98 8.22
N ARG B 23 4.54 4.64 9.26
CA ARG B 23 4.85 3.25 9.52
C ARG B 23 3.58 2.49 9.90
N ASP B 24 2.51 3.24 10.10
CA ASP B 24 1.23 2.66 10.46
C ASP B 24 0.13 3.29 9.62
N GLN B 25 0.51 3.75 8.43
CA GLN B 25 -0.43 4.37 7.52
C GLN B 25 -0.60 3.52 6.26
N CYS B 26 -1.85 3.21 5.96
CA CYS B 26 -2.16 2.41 4.79
C CYS B 26 -1.54 3.09 3.56
N ALA B 27 -0.85 2.27 2.77
CA ALA B 27 -0.21 2.78 1.57
C ALA B 27 -1.06 2.44 0.36
N TYR B 28 -2.37 2.41 0.57
CA TYR B 28 -3.31 2.09 -0.49
C TYR B 28 -4.41 3.14 -0.58
N CYS B 29 -5.18 3.24 0.50
CA CYS B 29 -6.27 4.20 0.55
C CYS B 29 -5.77 5.46 1.25
N LYS B 30 -4.61 5.32 1.91
CA LYS B 30 -4.02 6.43 2.62
C LYS B 30 -4.69 6.56 4.00
N GLU B 31 -5.26 5.45 4.45
CA GLU B 31 -5.94 5.43 5.73
C GLU B 31 -4.95 5.07 6.85
N LYS B 32 -4.85 5.96 7.82
CA LYS B 32 -3.96 5.74 8.94
C LYS B 32 -4.66 4.90 10.00
N GLY B 33 -4.02 3.80 10.35
CA GLY B 33 -4.57 2.89 11.35
C GLY B 33 -4.40 1.44 10.93
N HIS B 34 -4.65 1.19 9.65
CA HIS B 34 -4.52 -0.15 9.10
C HIS B 34 -3.44 -0.16 8.01
N TRP B 35 -2.89 -1.35 7.79
CA TRP B 35 -1.86 -1.50 6.78
C TRP B 35 -2.53 -1.84 5.45
N ALA B 36 -1.80 -1.60 4.38
CA ALA B 36 -2.32 -1.87 3.04
C ALA B 36 -2.70 -3.36 2.94
N LYS B 37 -1.88 -4.18 3.58
CA LYS B 37 -2.12 -5.62 3.56
C LYS B 37 -3.44 -5.92 4.27
N ASP B 38 -3.94 -4.91 4.97
CA ASP B 38 -5.19 -5.06 5.70
C ASP B 38 -6.15 -3.94 5.29
N CYS B 39 -5.94 -3.44 4.09
CA CYS B 39 -6.77 -2.37 3.57
C CYS B 39 -8.18 -2.92 3.33
N PRO B 40 -9.19 -2.21 3.91
CA PRO B 40 -10.57 -2.63 3.77
C PRO B 40 -11.10 -2.30 2.36
N LYS B 41 -10.37 -1.43 1.68
CA LYS B 41 -10.75 -1.02 0.34
C LYS B 41 -10.20 -2.03 -0.67
N LYS B 42 -9.32 -2.90 -0.17
CA LYS B 42 -8.71 -3.91 -1.02
C LYS B 42 -9.77 -4.95 -1.41
N PRO B 43 -9.52 -5.59 -2.58
CA PRO B 43 -10.44 -6.60 -3.08
C PRO B 43 -10.30 -7.91 -2.30
N ARG B 44 -10.78 -7.87 -1.06
CA ARG B 44 -10.71 -9.04 -0.20
C ARG B 44 -11.64 -8.86 1.01
N GLY B 45 -12.85 -9.37 0.86
CA GLY B 45 -13.83 -9.28 1.91
C GLY B 45 -14.62 -10.59 2.05
N PRO B 46 -15.52 -10.62 3.09
CA PRO B 46 -15.67 -9.48 3.96
C PRO B 46 -14.51 -9.37 4.94
N ARG B 47 -14.01 -10.52 5.37
CA ARG B 47 -12.90 -10.56 6.30
C ARG B 47 -13.11 -9.56 7.43
N GLY B 48 -13.73 -10.04 8.49
CA GLY B 48 -14.01 -9.20 9.64
C GLY B 48 -13.16 -9.63 10.85
N PRO B 49 -12.98 -8.67 11.79
CA PRO B 49 -12.19 -8.92 12.98
C PRO B 49 -12.98 -9.80 13.97
N ARG B 50 -12.61 -11.07 14.00
CA ARG B 50 -13.26 -12.01 14.89
C ARG B 50 -12.26 -12.58 15.89
N PRO B 51 -12.21 -11.94 17.09
CA PRO B 51 -11.31 -12.38 18.13
C PRO B 51 -11.80 -13.66 18.80
N GLN B 52 -11.98 -14.69 17.98
CA GLN B 52 -12.44 -15.97 18.47
C GLN B 52 -12.13 -17.08 17.46
N THR B 53 -11.98 -18.29 17.98
CA THR B 53 -11.67 -19.43 17.14
C THR B 53 -10.38 -19.20 16.36
N SER B 54 -9.78 -20.29 15.91
CA SER B 54 -8.55 -20.21 15.16
C SER B 54 -8.47 -21.36 14.15
N LEU B 55 -8.90 -21.06 12.93
CA LEU B 55 -8.88 -22.06 11.87
C LEU B 55 -9.69 -23.28 12.32
N LEU B 56 -11.00 -23.20 12.13
CA LEU B 56 -11.88 -24.28 12.51
C LEU B 56 -11.78 -25.40 11.47
N ALA B 1 32.45 -4.90 30.10
CA ALA B 1 31.92 -6.18 29.65
C ALA B 1 30.84 -5.94 28.60
N THR B 2 30.81 -6.83 27.62
CA THR B 2 29.83 -6.74 26.54
C THR B 2 28.47 -7.27 27.02
N VAL B 3 27.42 -6.58 26.56
CA VAL B 3 26.07 -6.97 26.93
C VAL B 3 25.17 -6.87 25.70
N VAL B 4 23.98 -7.43 25.84
CA VAL B 4 23.02 -7.41 24.74
C VAL B 4 22.45 -6.00 24.60
N SER B 5 22.69 -5.41 23.43
CA SER B 5 22.21 -4.07 23.16
C SER B 5 21.28 -4.09 21.93
N GLY B 6 20.24 -3.27 22.01
CA GLY B 6 19.28 -3.19 20.93
C GLY B 6 18.53 -1.85 20.97
N GLN B 7 18.10 -1.42 19.79
CA GLN B 7 17.37 -0.16 19.67
C GLN B 7 16.84 0.01 18.25
N LYS B 8 15.62 0.51 18.17
CA LYS B 8 14.99 0.74 16.88
C LYS B 8 15.90 1.62 16.01
N GLN B 9 16.01 1.24 14.75
CA GLN B 9 16.84 1.99 13.82
C GLN B 9 16.56 1.55 12.38
N ASP B 10 16.07 2.49 11.58
CA ASP B 10 15.76 2.21 10.20
C ASP B 10 17.02 1.73 9.48
N ARG B 11 16.88 0.61 8.79
CA ARG B 11 17.99 0.04 8.06
C ARG B 11 18.47 1.01 6.96
N GLN B 12 19.78 1.16 6.88
CA GLN B 12 20.37 2.05 5.89
C GLN B 12 20.12 1.52 4.49
N GLY B 13 19.08 2.04 3.87
CA GLY B 13 18.72 1.63 2.52
C GLY B 13 18.33 2.83 1.66
N GLY B 14 17.69 2.54 0.54
CA GLY B 14 17.25 3.58 -0.37
C GLY B 14 15.83 4.04 -0.05
N GLU B 15 15.73 4.96 0.88
CA GLU B 15 14.43 5.49 1.28
C GLU B 15 14.41 7.02 1.13
N ARG B 16 13.37 7.49 0.46
CA ARG B 16 13.21 8.92 0.24
C ARG B 16 11.79 9.36 0.58
N ARG B 17 11.39 9.06 1.81
CA ARG B 17 10.05 9.41 2.27
C ARG B 17 8.99 8.84 1.34
N ARG B 18 7.75 8.89 1.79
CA ARG B 18 6.64 8.37 1.00
C ARG B 18 5.47 9.35 1.05
N SER B 19 5.76 10.59 0.68
CA SER B 19 4.75 11.63 0.67
C SER B 19 4.27 11.91 2.10
N GLN B 20 3.50 10.96 2.62
CA GLN B 20 2.97 11.09 3.97
C GLN B 20 2.48 9.73 4.47
N LEU B 21 3.11 8.68 3.97
CA LEU B 21 2.75 7.33 4.36
C LEU B 21 3.55 6.93 5.59
N ASP B 22 2.92 7.07 6.76
CA ASP B 22 3.57 6.73 8.01
C ASP B 22 3.70 5.21 8.11
N ARG B 23 4.54 4.78 9.04
CA ARG B 23 4.77 3.37 9.25
C ARG B 23 3.52 2.72 9.86
N ASP B 24 2.55 3.56 10.18
CA ASP B 24 1.32 3.09 10.78
C ASP B 24 0.14 3.55 9.92
N GLN B 25 0.44 3.86 8.67
CA GLN B 25 -0.58 4.31 7.74
C GLN B 25 -0.76 3.29 6.62
N CYS B 26 -1.85 3.44 5.88
CA CYS B 26 -2.15 2.55 4.78
C CYS B 26 -1.53 3.13 3.51
N ALA B 27 -0.85 2.26 2.78
CA ALA B 27 -0.20 2.66 1.54
C ALA B 27 -1.07 2.26 0.35
N TYR B 28 -2.37 2.27 0.59
CA TYR B 28 -3.32 1.91 -0.45
C TYR B 28 -4.41 2.98 -0.61
N CYS B 29 -5.18 3.15 0.46
CA CYS B 29 -6.25 4.13 0.45
C CYS B 29 -5.70 5.44 1.01
N LYS B 30 -4.63 5.32 1.77
CA LYS B 30 -4.00 6.49 2.37
C LYS B 30 -4.59 6.74 3.75
N GLU B 31 -5.14 5.67 4.32
CA GLU B 31 -5.74 5.76 5.65
C GLU B 31 -4.67 5.68 6.73
N LYS B 32 -5.13 5.66 7.97
CA LYS B 32 -4.23 5.59 9.10
C LYS B 32 -4.80 4.65 10.16
N GLY B 33 -4.01 3.68 10.55
CA GLY B 33 -4.43 2.70 11.54
C GLY B 33 -4.28 1.27 11.02
N HIS B 34 -4.56 1.11 9.74
CA HIS B 34 -4.45 -0.20 9.11
C HIS B 34 -3.41 -0.14 7.99
N TRP B 35 -2.88 -1.31 7.68
CA TRP B 35 -1.86 -1.41 6.64
C TRP B 35 -2.57 -1.76 5.33
N ALA B 36 -1.87 -1.53 4.24
CA ALA B 36 -2.42 -1.82 2.92
C ALA B 36 -2.76 -3.31 2.82
N LYS B 37 -1.93 -4.11 3.47
CA LYS B 37 -2.13 -5.55 3.47
C LYS B 37 -3.38 -5.88 4.28
N ASP B 38 -3.91 -4.87 4.94
CA ASP B 38 -5.11 -5.03 5.75
C ASP B 38 -6.14 -3.97 5.37
N CYS B 39 -5.92 -3.38 4.21
CA CYS B 39 -6.82 -2.35 3.72
C CYS B 39 -8.21 -2.97 3.55
N PRO B 40 -9.23 -2.24 4.08
CA PRO B 40 -10.60 -2.70 4.00
C PRO B 40 -11.16 -2.50 2.59
N LYS B 41 -10.32 -1.98 1.72
CA LYS B 41 -10.70 -1.74 0.34
C LYS B 41 -10.21 -2.90 -0.54
N LYS B 42 -9.24 -3.62 -0.01
CA LYS B 42 -8.69 -4.75 -0.73
C LYS B 42 -9.80 -5.76 -1.04
N PRO B 43 -10.14 -5.86 -2.35
CA PRO B 43 -11.18 -6.77 -2.78
C PRO B 43 -10.68 -8.22 -2.77
N ARG B 44 -11.61 -9.14 -2.56
CA ARG B 44 -11.28 -10.55 -2.52
C ARG B 44 -10.34 -10.83 -1.35
N GLY B 45 -10.93 -11.26 -0.25
CA GLY B 45 -10.16 -11.58 0.95
C GLY B 45 -11.04 -12.22 2.01
N PRO B 46 -10.39 -12.59 3.15
CA PRO B 46 -8.96 -12.38 3.30
C PRO B 46 -8.16 -13.39 2.47
N ARG B 47 -6.85 -13.19 2.46
CA ARG B 47 -5.97 -14.07 1.72
C ARG B 47 -6.30 -14.01 0.22
N GLY B 48 -5.38 -14.54 -0.58
CA GLY B 48 -5.56 -14.55 -2.02
C GLY B 48 -4.50 -15.43 -2.70
N PRO B 49 -4.19 -15.07 -3.98
CA PRO B 49 -3.21 -15.81 -4.74
C PRO B 49 -1.79 -15.50 -4.27
N ARG B 50 -0.83 -16.16 -4.90
CA ARG B 50 0.57 -15.95 -4.55
C ARG B 50 0.82 -16.36 -3.10
N PRO B 51 2.08 -16.83 -2.84
CA PRO B 51 2.46 -17.26 -1.51
C PRO B 51 2.69 -16.05 -0.59
N GLN B 52 2.61 -16.32 0.70
CA GLN B 52 2.80 -15.27 1.69
C GLN B 52 2.81 -15.86 3.10
N THR B 53 3.67 -16.86 3.28
CA THR B 53 3.78 -17.52 4.57
C THR B 53 4.21 -16.52 5.65
N SER B 54 3.67 -16.73 6.84
CA SER B 54 3.98 -15.85 7.97
C SER B 54 4.79 -16.61 9.02
N LEU B 55 5.78 -15.93 9.56
CA LEU B 55 6.63 -16.54 10.59
C LEU B 55 7.43 -17.69 9.96
N LEU B 56 8.73 -17.67 10.22
CA LEU B 56 9.61 -18.69 9.71
C LEU B 56 9.40 -18.83 8.19
N ALA B 1 24.22 2.11 1.09
CA ALA B 1 25.35 2.23 2.00
C ALA B 1 26.65 2.10 1.21
N THR B 2 26.85 0.92 0.65
CA THR B 2 28.04 0.64 -0.14
C THR B 2 27.67 -0.01 -1.47
N VAL B 3 28.27 0.50 -2.53
CA VAL B 3 28.03 -0.02 -3.87
C VAL B 3 29.35 -0.25 -4.58
N VAL B 4 30.04 -1.30 -4.16
CA VAL B 4 31.32 -1.64 -4.75
C VAL B 4 31.15 -1.82 -6.26
N SER B 5 32.24 -1.58 -6.97
CA SER B 5 32.23 -1.70 -8.43
C SER B 5 31.43 -2.93 -8.84
N GLY B 6 30.29 -2.68 -9.46
CA GLY B 6 29.43 -3.77 -9.90
C GLY B 6 28.15 -3.22 -10.56
N GLN B 7 28.22 -3.07 -11.87
CA GLN B 7 27.09 -2.55 -12.62
C GLN B 7 26.77 -3.47 -13.80
N LYS B 8 25.59 -3.27 -14.37
CA LYS B 8 25.16 -4.08 -15.51
C LYS B 8 24.54 -3.16 -16.57
N GLN B 9 24.51 -3.67 -17.79
CA GLN B 9 23.95 -2.91 -18.90
C GLN B 9 22.56 -2.40 -18.54
N ASP B 10 21.68 -3.33 -18.22
CA ASP B 10 20.31 -2.99 -17.85
C ASP B 10 20.34 -1.93 -16.75
N ARG B 11 19.31 -1.09 -16.77
CA ARG B 11 19.20 -0.02 -15.79
C ARG B 11 18.07 -0.33 -14.81
N GLN B 12 18.41 -0.29 -13.53
CA GLN B 12 17.43 -0.56 -12.48
C GLN B 12 16.73 0.73 -12.07
N GLY B 13 15.66 0.56 -11.30
CA GLY B 13 14.90 1.71 -10.83
C GLY B 13 15.39 2.18 -9.46
N GLY B 14 14.45 2.60 -8.63
CA GLY B 14 14.78 3.07 -7.31
C GLY B 14 13.70 4.02 -6.78
N GLU B 15 13.95 5.30 -6.97
CA GLU B 15 13.01 6.32 -6.53
C GLU B 15 12.76 6.19 -5.03
N ARG B 16 13.45 7.04 -4.27
CA ARG B 16 13.31 7.03 -2.82
C ARG B 16 12.49 8.23 -2.36
N ARG B 17 11.19 8.04 -2.33
CA ARG B 17 10.28 9.10 -1.91
C ARG B 17 8.85 8.57 -1.84
N ARG B 18 8.41 8.28 -0.62
CA ARG B 18 7.06 7.77 -0.41
C ARG B 18 6.22 8.81 0.34
N SER B 19 6.09 9.97 -0.27
CA SER B 19 5.31 11.05 0.33
C SER B 19 5.53 11.06 1.85
N GLN B 20 4.59 10.44 2.56
CA GLN B 20 4.68 10.38 4.01
C GLN B 20 4.10 9.06 4.52
N LEU B 21 4.49 7.98 3.84
CA LEU B 21 4.02 6.66 4.20
C LEU B 21 4.42 6.37 5.66
N ASP B 22 3.46 6.55 6.55
CA ASP B 22 3.70 6.32 7.97
C ASP B 22 3.86 4.81 8.20
N ARG B 23 4.61 4.50 9.25
CA ARG B 23 4.85 3.10 9.59
C ARG B 23 3.54 2.43 10.03
N ASP B 24 2.51 3.25 10.17
CA ASP B 24 1.21 2.76 10.58
C ASP B 24 0.13 3.40 9.72
N GLN B 25 0.52 3.74 8.50
CA GLN B 25 -0.41 4.36 7.57
C GLN B 25 -0.59 3.48 6.33
N CYS B 26 -1.83 3.25 5.97
CA CYS B 26 -2.15 2.43 4.81
C CYS B 26 -1.53 3.09 3.58
N ALA B 27 -0.84 2.27 2.80
CA ALA B 27 -0.20 2.76 1.59
C ALA B 27 -1.06 2.39 0.38
N TYR B 28 -2.35 2.33 0.61
CA TYR B 28 -3.29 2.01 -0.45
C TYR B 28 -4.39 3.06 -0.57
N CYS B 29 -5.16 3.18 0.51
CA CYS B 29 -6.26 4.15 0.54
C CYS B 29 -5.73 5.43 1.17
N LYS B 30 -4.62 5.30 1.89
CA LYS B 30 -4.02 6.44 2.55
C LYS B 30 -4.69 6.66 3.90
N GLU B 31 -5.24 5.58 4.44
CA GLU B 31 -5.91 5.65 5.73
C GLU B 31 -4.99 5.15 6.84
N LYS B 32 -4.79 6.00 7.83
CA LYS B 32 -3.95 5.67 8.96
C LYS B 32 -4.74 4.82 9.96
N GLY B 33 -4.08 3.79 10.47
CA GLY B 33 -4.72 2.90 11.42
C GLY B 33 -4.56 1.43 11.00
N HIS B 34 -4.54 1.22 9.70
CA HIS B 34 -4.39 -0.12 9.15
C HIS B 34 -3.33 -0.11 8.06
N TRP B 35 -2.89 -1.31 7.71
CA TRP B 35 -1.87 -1.47 6.68
C TRP B 35 -2.58 -1.82 5.37
N ALA B 36 -1.88 -1.57 4.27
CA ALA B 36 -2.42 -1.86 2.95
C ALA B 36 -2.73 -3.36 2.85
N LYS B 37 -1.89 -4.14 3.51
CA LYS B 37 -2.06 -5.58 3.50
C LYS B 37 -3.36 -5.95 4.22
N ASP B 38 -3.92 -4.95 4.89
CA ASP B 38 -5.15 -5.15 5.62
C ASP B 38 -6.12 -4.01 5.30
N CYS B 39 -5.98 -3.47 4.10
CA CYS B 39 -6.82 -2.38 3.67
C CYS B 39 -8.26 -2.90 3.54
N PRO B 40 -9.20 -2.14 4.16
CA PRO B 40 -10.61 -2.52 4.13
C PRO B 40 -11.22 -2.22 2.77
N LYS B 41 -10.38 -1.71 1.87
CA LYS B 41 -10.83 -1.36 0.53
C LYS B 41 -10.31 -2.41 -0.46
N LYS B 42 -9.32 -3.16 0.00
CA LYS B 42 -8.73 -4.20 -0.83
C LYS B 42 -9.80 -5.23 -1.20
N PRO B 43 -9.58 -5.90 -2.36
CA PRO B 43 -10.52 -6.91 -2.82
C PRO B 43 -10.38 -8.20 -2.02
N ARG B 44 -10.58 -8.07 -0.71
CA ARG B 44 -10.48 -9.22 0.17
C ARG B 44 -9.12 -9.90 0.01
N GLY B 45 -8.13 -9.34 0.69
CA GLY B 45 -6.79 -9.89 0.63
C GLY B 45 -6.48 -10.73 1.87
N PRO B 46 -5.25 -11.31 1.88
CA PRO B 46 -4.32 -11.11 0.78
C PRO B 46 -4.73 -11.94 -0.44
N ARG B 47 -5.03 -13.21 -0.19
CA ARG B 47 -5.44 -14.11 -1.25
C ARG B 47 -4.62 -13.85 -2.51
N GLY B 48 -3.48 -14.52 -2.58
CA GLY B 48 -2.58 -14.37 -3.73
C GLY B 48 -1.14 -14.17 -3.28
N PRO B 49 -0.39 -15.30 -3.28
CA PRO B 49 1.01 -15.27 -2.89
C PRO B 49 1.89 -14.64 -3.97
N ARG B 50 3.19 -14.74 -3.78
CA ARG B 50 4.13 -14.19 -4.73
C ARG B 50 5.00 -15.30 -5.33
N PRO B 51 4.56 -15.80 -6.51
CA PRO B 51 5.29 -16.86 -7.19
C PRO B 51 6.55 -16.31 -7.86
N GLN B 52 6.38 -15.21 -8.56
CA GLN B 52 7.49 -14.58 -9.25
C GLN B 52 7.64 -13.13 -8.80
N THR B 53 8.77 -12.54 -9.17
CA THR B 53 9.05 -11.16 -8.82
C THR B 53 8.18 -10.21 -9.64
N SER B 54 7.43 -9.37 -8.93
CA SER B 54 6.55 -8.42 -9.57
C SER B 54 6.94 -6.99 -9.16
N LEU B 55 7.54 -6.28 -10.11
CA LEU B 55 7.96 -4.92 -9.87
C LEU B 55 9.11 -4.91 -8.86
N LEU B 56 10.18 -4.24 -9.24
CA LEU B 56 11.36 -4.16 -8.39
C LEU B 56 11.99 -5.55 -8.25
N ALA B 1 -21.53 -12.93 -26.36
CA ALA B 1 -21.48 -12.02 -25.23
C ALA B 1 -20.09 -11.38 -25.14
N THR B 2 -19.98 -10.22 -25.79
CA THR B 2 -18.72 -9.49 -25.79
C THR B 2 -18.96 -8.00 -25.59
N VAL B 3 -18.11 -7.40 -24.77
CA VAL B 3 -18.23 -5.97 -24.48
C VAL B 3 -16.83 -5.36 -24.38
N VAL B 4 -16.45 -4.66 -25.44
CA VAL B 4 -15.14 -4.01 -25.48
C VAL B 4 -15.32 -2.51 -25.71
N SER B 5 -14.40 -1.75 -25.13
CA SER B 5 -14.45 -0.30 -25.25
C SER B 5 -13.14 0.30 -24.76
N GLY B 6 -12.70 1.34 -25.45
CA GLY B 6 -11.46 2.02 -25.09
C GLY B 6 -11.50 3.49 -25.53
N GLN B 7 -11.09 4.34 -24.61
CA GLN B 7 -11.06 5.78 -24.89
C GLN B 7 -9.62 6.27 -25.01
N LYS B 8 -9.49 7.49 -25.51
CA LYS B 8 -8.18 8.09 -25.68
C LYS B 8 -7.85 8.97 -24.48
N GLN B 9 -6.73 8.66 -23.83
CA GLN B 9 -6.30 9.42 -22.67
C GLN B 9 -4.89 8.99 -22.26
N ASP B 10 -4.14 9.97 -21.79
CA ASP B 10 -2.77 9.72 -21.36
C ASP B 10 -2.50 10.47 -20.05
N ARG B 11 -2.13 9.71 -19.03
CA ARG B 11 -1.85 10.28 -17.72
C ARG B 11 -0.51 11.02 -17.75
N GLN B 12 0.54 10.29 -18.11
CA GLN B 12 1.87 10.87 -18.18
C GLN B 12 2.23 11.53 -16.85
N GLY B 13 2.94 10.78 -16.02
CA GLY B 13 3.36 11.29 -14.72
C GLY B 13 2.54 10.64 -13.60
N GLY B 14 3.12 10.65 -12.40
CA GLY B 14 2.46 10.07 -11.25
C GLY B 14 3.41 9.14 -10.48
N GLU B 15 4.08 9.71 -9.50
CA GLU B 15 5.01 8.95 -8.68
C GLU B 15 5.15 9.58 -7.30
N ARG B 16 5.26 8.72 -6.30
CA ARG B 16 5.40 9.18 -4.92
C ARG B 16 6.49 8.39 -4.21
N ARG B 17 7.37 9.11 -3.55
CA ARG B 17 8.47 8.49 -2.81
C ARG B 17 8.08 8.27 -1.36
N ARG B 18 7.00 7.50 -1.17
CA ARG B 18 6.52 7.21 0.17
C ARG B 18 6.34 8.50 0.96
N SER B 19 5.62 9.44 0.35
CA SER B 19 5.36 10.71 0.99
C SER B 19 4.99 10.50 2.46
N GLN B 20 5.97 10.75 3.32
CA GLN B 20 5.75 10.59 4.76
C GLN B 20 4.88 9.37 5.02
N LEU B 21 5.29 8.25 4.46
CA LEU B 21 4.57 7.00 4.63
C LEU B 21 4.74 6.51 6.08
N ASP B 22 3.85 6.99 6.93
CA ASP B 22 3.89 6.62 8.34
C ASP B 22 3.85 5.10 8.45
N ARG B 23 4.48 4.60 9.51
CA ARG B 23 4.54 3.16 9.74
C ARG B 23 3.13 2.63 10.08
N ASP B 24 2.21 3.57 10.25
CA ASP B 24 0.84 3.22 10.57
C ASP B 24 -0.11 3.87 9.56
N GLN B 25 0.43 4.14 8.38
CA GLN B 25 -0.35 4.76 7.33
C GLN B 25 -0.49 3.81 6.14
N CYS B 26 -1.75 3.49 5.84
CA CYS B 26 -2.05 2.58 4.73
C CYS B 26 -1.44 3.18 3.45
N ALA B 27 -0.77 2.32 2.70
CA ALA B 27 -0.15 2.75 1.46
C ALA B 27 -1.03 2.34 0.28
N TYR B 28 -2.34 2.32 0.54
CA TYR B 28 -3.30 1.96 -0.48
C TYR B 28 -4.40 3.01 -0.61
N CYS B 29 -5.15 3.16 0.47
CA CYS B 29 -6.24 4.13 0.50
C CYS B 29 -5.70 5.45 1.04
N LYS B 30 -4.72 5.33 1.94
CA LYS B 30 -4.12 6.50 2.54
C LYS B 30 -4.75 6.76 3.91
N GLU B 31 -5.22 5.69 4.52
CA GLU B 31 -5.84 5.79 5.82
C GLU B 31 -4.95 5.17 6.89
N LYS B 32 -4.72 5.93 7.95
CA LYS B 32 -3.89 5.47 9.05
C LYS B 32 -4.73 4.63 10.01
N GLY B 33 -4.09 3.63 10.60
CA GLY B 33 -4.77 2.75 11.53
C GLY B 33 -4.67 1.30 11.08
N HIS B 34 -4.56 1.12 9.78
CA HIS B 34 -4.47 -0.21 9.20
C HIS B 34 -3.37 -0.24 8.13
N TRP B 35 -2.92 -1.44 7.82
CA TRP B 35 -1.88 -1.62 6.82
C TRP B 35 -2.55 -1.93 5.48
N ALA B 36 -1.82 -1.68 4.41
CA ALA B 36 -2.33 -1.92 3.07
C ALA B 36 -2.70 -3.40 2.94
N LYS B 37 -1.91 -4.23 3.60
CA LYS B 37 -2.14 -5.66 3.56
C LYS B 37 -3.47 -5.99 4.23
N ASP B 38 -4.01 -4.99 4.91
CA ASP B 38 -5.27 -5.15 5.61
C ASP B 38 -6.20 -3.99 5.24
N CYS B 39 -5.98 -3.45 4.06
CA CYS B 39 -6.79 -2.34 3.57
C CYS B 39 -8.22 -2.84 3.38
N PRO B 40 -9.19 -2.04 3.91
CA PRO B 40 -10.59 -2.39 3.81
C PRO B 40 -11.11 -2.12 2.39
N LYS B 41 -10.21 -1.66 1.53
CA LYS B 41 -10.56 -1.37 0.16
C LYS B 41 -10.15 -2.55 -0.72
N LYS B 42 -9.24 -3.35 -0.20
CA LYS B 42 -8.75 -4.51 -0.94
C LYS B 42 -9.83 -5.59 -0.94
N PRO B 43 -10.35 -5.87 -2.17
CA PRO B 43 -11.39 -6.88 -2.32
C PRO B 43 -10.81 -8.29 -2.21
N ARG B 44 -11.04 -8.90 -1.06
CA ARG B 44 -10.54 -10.25 -0.82
C ARG B 44 -11.67 -11.27 -1.00
N GLY B 45 -11.45 -12.19 -1.93
CA GLY B 45 -12.43 -13.22 -2.22
C GLY B 45 -11.76 -14.53 -2.59
N PRO B 46 -12.60 -15.58 -2.79
CA PRO B 46 -14.04 -15.42 -2.66
C PRO B 46 -14.43 -15.34 -1.18
N ARG B 47 -13.78 -16.17 -0.37
CA ARG B 47 -14.06 -16.20 1.05
C ARG B 47 -13.14 -17.20 1.75
N GLY B 48 -12.09 -16.66 2.36
CA GLY B 48 -11.13 -17.49 3.07
C GLY B 48 -9.71 -17.21 2.58
N PRO B 49 -8.88 -18.29 2.55
CA PRO B 49 -7.50 -18.17 2.12
C PRO B 49 -7.42 -18.03 0.60
N ARG B 50 -6.60 -17.09 0.17
CA ARG B 50 -6.42 -16.85 -1.26
C ARG B 50 -5.20 -17.62 -1.78
N PRO B 51 -5.30 -18.02 -3.07
CA PRO B 51 -4.22 -18.76 -3.71
C PRO B 51 -3.04 -17.85 -4.04
N GLN B 52 -3.36 -16.76 -4.73
CA GLN B 52 -2.34 -15.80 -5.11
C GLN B 52 -2.99 -14.57 -5.76
N THR B 53 -2.21 -13.50 -5.82
CA THR B 53 -2.69 -12.26 -6.41
C THR B 53 -1.58 -11.59 -7.22
N SER B 54 -1.16 -12.28 -8.27
CA SER B 54 -0.12 -11.76 -9.14
C SER B 54 -0.02 -12.61 -10.41
N LEU B 55 0.18 -11.93 -11.52
CA LEU B 55 0.29 -12.61 -12.81
C LEU B 55 1.72 -13.13 -12.98
N LEU B 56 2.66 -12.19 -13.02
CA LEU B 56 4.05 -12.54 -13.18
C LEU B 56 4.78 -12.31 -11.86
N ALA B 1 19.95 -34.96 16.43
CA ALA B 1 19.25 -34.16 15.44
C ALA B 1 19.48 -32.68 15.74
N THR B 2 19.78 -31.93 14.68
CA THR B 2 20.02 -30.51 14.82
C THR B 2 19.70 -29.79 13.51
N VAL B 3 18.52 -29.19 13.48
CA VAL B 3 18.07 -28.46 12.31
C VAL B 3 17.23 -27.26 12.73
N VAL B 4 17.64 -26.09 12.27
CA VAL B 4 16.94 -24.86 12.60
C VAL B 4 17.54 -23.70 11.79
N SER B 5 16.72 -23.15 10.91
CA SER B 5 17.16 -22.05 10.08
C SER B 5 16.02 -21.03 9.91
N GLY B 6 16.32 -19.80 10.29
CA GLY B 6 15.33 -18.73 10.19
C GLY B 6 15.22 -18.23 8.75
N GLN B 7 14.67 -17.02 8.63
CA GLN B 7 14.50 -16.41 7.32
C GLN B 7 14.28 -14.91 7.47
N LYS B 8 15.18 -14.14 6.86
CA LYS B 8 15.09 -12.69 6.92
C LYS B 8 15.03 -12.14 5.50
N GLN B 9 14.46 -10.94 5.38
CA GLN B 9 14.33 -10.30 4.09
C GLN B 9 14.65 -8.81 4.22
N ASP B 10 15.90 -8.48 3.92
CA ASP B 10 16.34 -7.09 4.00
C ASP B 10 17.28 -6.80 2.82
N ARG B 11 17.27 -5.55 2.40
CA ARG B 11 18.11 -5.12 1.28
C ARG B 11 17.99 -3.61 1.07
N GLN B 12 18.94 -3.08 0.33
CA GLN B 12 18.95 -1.65 0.04
C GLN B 12 19.27 -1.41 -1.44
N GLY B 13 18.26 -0.95 -2.16
CA GLY B 13 18.41 -0.67 -3.58
C GLY B 13 17.35 0.32 -4.06
N GLY B 14 17.82 1.53 -4.36
CA GLY B 14 16.92 2.57 -4.83
C GLY B 14 15.99 3.05 -3.71
N GLU B 15 15.29 4.14 -3.99
CA GLU B 15 14.37 4.71 -3.02
C GLU B 15 13.65 5.92 -3.61
N ARG B 16 12.37 6.01 -3.33
CA ARG B 16 11.56 7.10 -3.82
C ARG B 16 10.63 7.62 -2.73
N ARG B 17 10.39 8.93 -2.75
CA ARG B 17 9.53 9.55 -1.77
C ARG B 17 8.17 8.86 -1.74
N ARG B 18 7.73 8.55 -0.53
CA ARG B 18 6.46 7.88 -0.34
C ARG B 18 5.55 8.72 0.56
N SER B 19 5.34 9.96 0.16
CA SER B 19 4.50 10.87 0.91
C SER B 19 4.73 10.67 2.41
N GLN B 20 3.68 10.95 3.17
CA GLN B 20 3.75 10.80 4.62
C GLN B 20 3.33 9.39 5.03
N LEU B 21 3.71 8.42 4.21
CA LEU B 21 3.38 7.04 4.48
C LEU B 21 3.99 6.61 5.82
N ASP B 22 3.28 6.92 6.88
CA ASP B 22 3.74 6.59 8.21
C ASP B 22 3.85 5.07 8.34
N ARG B 23 4.58 4.65 9.36
CA ARG B 23 4.78 3.22 9.60
C ARG B 23 3.45 2.56 10.00
N ASP B 24 2.45 3.41 10.19
CA ASP B 24 1.13 2.93 10.57
C ASP B 24 0.08 3.56 9.66
N GLN B 25 0.51 3.88 8.45
CA GLN B 25 -0.39 4.50 7.48
C GLN B 25 -0.55 3.59 6.26
N CYS B 26 -1.81 3.31 5.94
CA CYS B 26 -2.12 2.46 4.81
C CYS B 26 -1.49 3.09 3.55
N ALA B 27 -0.80 2.24 2.79
CA ALA B 27 -0.15 2.70 1.58
C ALA B 27 -1.01 2.32 0.38
N TYR B 28 -2.33 2.32 0.60
CA TYR B 28 -3.27 1.97 -0.46
C TYR B 28 -4.35 3.05 -0.58
N CYS B 29 -5.12 3.19 0.48
CA CYS B 29 -6.19 4.17 0.49
C CYS B 29 -5.67 5.46 1.14
N LYS B 30 -4.65 5.29 1.98
CA LYS B 30 -4.05 6.41 2.66
C LYS B 30 -4.73 6.60 4.02
N GLU B 31 -5.27 5.50 4.54
CA GLU B 31 -5.95 5.53 5.81
C GLU B 31 -4.97 5.14 6.94
N LYS B 32 -4.85 6.03 7.92
CA LYS B 32 -3.96 5.80 9.04
C LYS B 32 -4.68 4.92 10.06
N GLY B 33 -4.04 3.81 10.40
CA GLY B 33 -4.59 2.88 11.36
C GLY B 33 -4.37 1.43 10.91
N HIS B 34 -4.69 1.18 9.66
CA HIS B 34 -4.54 -0.16 9.10
C HIS B 34 -3.45 -0.14 8.03
N TRP B 35 -2.98 -1.33 7.69
CA TRP B 35 -1.94 -1.46 6.67
C TRP B 35 -2.61 -1.81 5.35
N ALA B 36 -1.89 -1.57 4.27
CA ALA B 36 -2.40 -1.86 2.94
C ALA B 36 -2.75 -3.35 2.84
N LYS B 37 -1.91 -4.16 3.47
CA LYS B 37 -2.11 -5.60 3.46
C LYS B 37 -3.39 -5.93 4.24
N ASP B 38 -3.91 -4.93 4.92
CA ASP B 38 -5.12 -5.10 5.69
C ASP B 38 -6.11 -4.00 5.35
N CYS B 39 -5.98 -3.49 4.13
CA CYS B 39 -6.86 -2.43 3.66
C CYS B 39 -8.24 -3.03 3.40
N PRO B 40 -9.27 -2.33 3.93
CA PRO B 40 -10.65 -2.78 3.77
C PRO B 40 -11.15 -2.50 2.36
N LYS B 41 -10.27 -1.94 1.54
CA LYS B 41 -10.61 -1.61 0.17
C LYS B 41 -10.22 -2.79 -0.73
N LYS B 42 -9.32 -3.61 -0.22
CA LYS B 42 -8.85 -4.77 -0.97
C LYS B 42 -10.04 -5.70 -1.25
N PRO B 43 -10.41 -5.78 -2.55
CA PRO B 43 -11.53 -6.62 -2.96
C PRO B 43 -11.12 -8.09 -2.95
N ARG B 44 -12.11 -8.95 -3.18
CA ARG B 44 -11.88 -10.38 -3.21
C ARG B 44 -10.70 -10.71 -4.13
N GLY B 45 -9.72 -11.39 -3.56
CA GLY B 45 -8.54 -11.78 -4.32
C GLY B 45 -7.36 -12.05 -3.38
N PRO B 46 -6.20 -12.38 -4.01
CA PRO B 46 -6.13 -12.48 -5.45
C PRO B 46 -6.81 -13.74 -5.96
N ARG B 47 -6.99 -13.81 -7.27
CA ARG B 47 -7.62 -14.96 -7.89
C ARG B 47 -6.83 -15.42 -9.11
N GLY B 48 -5.83 -16.26 -8.85
CA GLY B 48 -4.98 -16.77 -9.91
C GLY B 48 -3.78 -17.51 -9.33
N PRO B 49 -3.92 -18.87 -9.27
CA PRO B 49 -2.85 -19.70 -8.74
C PRO B 49 -1.71 -19.83 -9.75
N ARG B 50 -1.16 -18.69 -10.12
CA ARG B 50 -0.06 -18.66 -11.08
C ARG B 50 -0.52 -19.23 -12.42
N PRO B 51 -0.20 -18.47 -13.51
CA PRO B 51 -0.56 -18.89 -14.85
C PRO B 51 0.33 -20.02 -15.34
N GLN B 52 1.63 -19.85 -15.08
CA GLN B 52 2.60 -20.86 -15.49
C GLN B 52 2.37 -21.25 -16.95
N THR B 53 3.08 -20.57 -17.84
CA THR B 53 2.96 -20.85 -19.26
C THR B 53 3.36 -22.29 -19.56
N SER B 54 2.35 -23.11 -19.82
CA SER B 54 2.57 -24.51 -20.12
C SER B 54 3.16 -24.65 -21.52
N LEU B 55 4.49 -24.58 -21.58
CA LEU B 55 5.18 -24.70 -22.85
C LEU B 55 5.84 -26.07 -22.94
N LEU B 56 5.12 -27.02 -23.52
CA LEU B 56 5.62 -28.37 -23.67
C LEU B 56 4.78 -29.12 -24.71
N ALA B 1 4.71 18.90 -49.41
CA ALA B 1 4.21 19.29 -48.10
C ALA B 1 4.87 18.42 -47.03
N THR B 2 4.95 18.97 -45.83
CA THR B 2 5.55 18.25 -44.71
C THR B 2 5.37 19.04 -43.42
N VAL B 3 4.74 18.39 -42.44
CA VAL B 3 4.51 19.03 -41.16
C VAL B 3 4.35 17.94 -40.09
N VAL B 4 4.74 18.30 -38.87
CA VAL B 4 4.64 17.38 -37.75
C VAL B 4 4.78 18.16 -36.44
N SER B 5 4.29 17.54 -35.38
CA SER B 5 4.34 18.15 -34.07
C SER B 5 4.15 17.10 -32.98
N GLY B 6 4.67 17.40 -31.79
CA GLY B 6 4.56 16.49 -30.67
C GLY B 6 5.04 17.16 -29.38
N GLN B 7 4.16 17.16 -28.40
CA GLN B 7 4.48 17.75 -27.10
C GLN B 7 5.59 16.97 -26.41
N LYS B 8 6.35 17.67 -25.60
CA LYS B 8 7.45 17.05 -24.87
C LYS B 8 7.44 17.56 -23.43
N GLN B 9 7.62 16.62 -22.51
CA GLN B 9 7.65 16.95 -21.09
C GLN B 9 8.39 15.87 -20.31
N ASP B 10 8.70 16.20 -19.07
CA ASP B 10 9.40 15.27 -18.20
C ASP B 10 8.77 15.28 -16.82
N ARG B 11 8.74 16.46 -16.21
CA ARG B 11 8.17 16.62 -14.89
C ARG B 11 8.83 15.66 -13.89
N GLN B 12 9.69 16.23 -13.06
CA GLN B 12 10.39 15.44 -12.06
C GLN B 12 9.90 15.80 -10.66
N GLY B 13 10.08 17.06 -10.31
CA GLY B 13 9.66 17.54 -9.00
C GLY B 13 10.86 17.67 -8.06
N GLY B 14 10.59 18.25 -6.90
CA GLY B 14 11.64 18.44 -5.90
C GLY B 14 11.30 17.69 -4.61
N GLU B 15 11.01 16.40 -4.76
CA GLU B 15 10.68 15.56 -3.62
C GLU B 15 10.50 14.11 -4.07
N ARG B 16 11.01 13.20 -3.25
CA ARG B 16 10.91 11.78 -3.54
C ARG B 16 11.34 10.96 -2.34
N ARG B 17 10.39 10.74 -1.44
CA ARG B 17 10.66 9.96 -0.24
C ARG B 17 9.35 9.49 0.40
N ARG B 18 8.62 8.68 -0.36
CA ARG B 18 7.36 8.15 0.12
C ARG B 18 6.60 9.23 0.90
N SER B 19 6.70 10.46 0.43
CA SER B 19 6.03 11.57 1.06
C SER B 19 6.21 11.47 2.58
N GLN B 20 5.20 10.90 3.23
CA GLN B 20 5.23 10.75 4.67
C GLN B 20 4.54 9.45 5.08
N LEU B 21 4.99 8.36 4.46
CA LEU B 21 4.43 7.05 4.76
C LEU B 21 4.66 6.72 6.22
N ASP B 22 3.56 6.69 6.97
CA ASP B 22 3.64 6.39 8.39
C ASP B 22 3.69 4.87 8.58
N ARG B 23 4.48 4.46 9.57
CA ARG B 23 4.64 3.05 9.86
C ARG B 23 3.30 2.45 10.33
N ASP B 24 2.35 3.34 10.57
CA ASP B 24 1.04 2.92 11.02
C ASP B 24 -0.03 3.50 10.09
N GLN B 25 0.35 3.65 8.83
CA GLN B 25 -0.56 4.19 7.82
C GLN B 25 -0.83 3.15 6.73
N CYS B 26 -1.71 3.51 5.82
CA CYS B 26 -2.06 2.64 4.72
C CYS B 26 -1.49 3.23 3.43
N ALA B 27 -0.82 2.35 2.67
CA ALA B 27 -0.23 2.77 1.41
C ALA B 27 -1.14 2.37 0.26
N TYR B 28 -2.43 2.33 0.55
CA TYR B 28 -3.41 1.96 -0.45
C TYR B 28 -4.52 3.01 -0.55
N CYS B 29 -5.26 3.15 0.53
CA CYS B 29 -6.35 4.11 0.57
C CYS B 29 -5.80 5.43 1.14
N LYS B 30 -4.60 5.34 1.71
CA LYS B 30 -3.96 6.50 2.29
C LYS B 30 -4.55 6.76 3.67
N GLU B 31 -5.11 5.71 4.26
CA GLU B 31 -5.71 5.82 5.57
C GLU B 31 -4.64 5.74 6.65
N LYS B 32 -5.10 5.72 7.90
CA LYS B 32 -4.19 5.65 9.03
C LYS B 32 -4.78 4.75 10.11
N GLY B 33 -4.02 3.74 10.48
CA GLY B 33 -4.47 2.79 11.50
C GLY B 33 -4.25 1.35 11.04
N HIS B 34 -4.62 1.10 9.79
CA HIS B 34 -4.47 -0.23 9.21
C HIS B 34 -3.37 -0.21 8.14
N TRP B 35 -2.94 -1.40 7.78
CA TRP B 35 -1.89 -1.54 6.77
C TRP B 35 -2.58 -1.85 5.43
N ALA B 36 -1.84 -1.58 4.36
CA ALA B 36 -2.36 -1.83 3.02
C ALA B 36 -2.70 -3.31 2.88
N LYS B 37 -1.88 -4.14 3.52
CA LYS B 37 -2.08 -5.57 3.47
C LYS B 37 -3.37 -5.93 4.20
N ASP B 38 -3.91 -4.94 4.90
CA ASP B 38 -5.14 -5.13 5.66
C ASP B 38 -6.12 -4.02 5.30
N CYS B 39 -5.92 -3.44 4.14
CA CYS B 39 -6.78 -2.36 3.67
C CYS B 39 -8.19 -2.93 3.48
N PRO B 40 -9.18 -2.19 4.05
CA PRO B 40 -10.56 -2.61 3.97
C PRO B 40 -11.13 -2.36 2.57
N LYS B 41 -10.27 -1.82 1.71
CA LYS B 41 -10.67 -1.53 0.35
C LYS B 41 -10.27 -2.69 -0.56
N LYS B 42 -9.33 -3.48 -0.07
CA LYS B 42 -8.86 -4.64 -0.84
C LYS B 42 -9.96 -5.70 -0.87
N PRO B 43 -10.48 -5.93 -2.11
CA PRO B 43 -11.53 -6.92 -2.29
C PRO B 43 -10.97 -8.34 -2.22
N ARG B 44 -11.87 -9.30 -2.35
CA ARG B 44 -11.48 -10.70 -2.29
C ARG B 44 -10.71 -11.08 -3.56
N GLY B 45 -9.49 -11.57 -3.35
CA GLY B 45 -8.65 -11.97 -4.46
C GLY B 45 -7.31 -12.51 -3.96
N PRO B 46 -6.48 -12.97 -4.93
CA PRO B 46 -6.86 -12.93 -6.34
C PRO B 46 -7.88 -14.02 -6.65
N ARG B 47 -7.57 -15.23 -6.21
CA ARG B 47 -8.45 -16.37 -6.43
C ARG B 47 -8.45 -17.29 -5.21
N GLY B 48 -9.61 -17.88 -4.97
CA GLY B 48 -9.76 -18.79 -3.83
C GLY B 48 -8.50 -19.63 -3.63
N PRO B 49 -7.65 -19.17 -2.67
CA PRO B 49 -6.41 -19.87 -2.37
C PRO B 49 -6.69 -21.15 -1.57
N ARG B 50 -6.20 -22.25 -2.10
CA ARG B 50 -6.37 -23.54 -1.46
C ARG B 50 -5.16 -24.44 -1.72
N PRO B 51 -4.68 -25.09 -0.62
CA PRO B 51 -3.53 -25.97 -0.71
C PRO B 51 -3.92 -27.30 -1.37
N GLN B 52 -2.91 -27.96 -1.91
CA GLN B 52 -3.12 -29.25 -2.57
C GLN B 52 -4.39 -29.19 -3.42
N THR B 53 -4.31 -28.43 -4.50
CA THR B 53 -5.45 -28.29 -5.40
C THR B 53 -4.97 -28.22 -6.86
N SER B 54 -4.70 -29.39 -7.41
CA SER B 54 -4.23 -29.47 -8.79
C SER B 54 -4.53 -30.85 -9.36
N LEU B 55 -4.84 -30.87 -10.65
CA LEU B 55 -5.15 -32.12 -11.33
C LEU B 55 -4.60 -32.06 -12.75
N LEU B 56 -5.14 -31.13 -13.53
CA LEU B 56 -4.71 -30.96 -14.91
C LEU B 56 -4.62 -32.34 -15.58
N ALA B 1 -8.57 40.37 -32.89
CA ALA B 1 -7.62 39.90 -31.91
C ALA B 1 -7.05 38.56 -32.37
N THR B 2 -6.06 38.07 -31.62
CA THR B 2 -5.43 36.81 -31.94
C THR B 2 -5.02 36.09 -30.66
N VAL B 3 -5.56 34.88 -30.49
CA VAL B 3 -5.25 34.08 -29.31
C VAL B 3 -4.53 32.80 -29.75
N VAL B 4 -3.91 32.16 -28.78
CA VAL B 4 -3.17 30.93 -29.05
C VAL B 4 -3.46 29.92 -27.93
N SER B 5 -3.23 28.65 -28.26
CA SER B 5 -3.47 27.59 -27.29
C SER B 5 -2.99 26.25 -27.87
N GLY B 6 -2.27 25.51 -27.04
CA GLY B 6 -1.75 24.22 -27.45
C GLY B 6 -2.05 23.15 -26.40
N GLN B 7 -1.28 23.19 -25.32
CA GLN B 7 -1.45 22.23 -24.24
C GLN B 7 -0.50 22.55 -23.10
N LYS B 8 -1.02 22.42 -21.89
CA LYS B 8 -0.23 22.69 -20.70
C LYS B 8 -0.98 22.19 -19.46
N GLN B 9 -0.40 21.16 -18.84
CA GLN B 9 -1.00 20.57 -17.66
C GLN B 9 -0.12 19.44 -17.12
N ASP B 10 -0.32 19.13 -15.85
CA ASP B 10 0.45 18.07 -15.21
C ASP B 10 1.92 18.44 -15.25
N ARG B 11 2.66 17.90 -14.29
CA ARG B 11 4.09 18.15 -14.19
C ARG B 11 4.69 17.42 -12.98
N GLN B 12 5.35 16.31 -13.28
CA GLN B 12 5.97 15.51 -12.24
C GLN B 12 7.38 15.12 -12.65
N GLY B 13 8.25 15.00 -11.64
CA GLY B 13 9.64 14.64 -11.88
C GLY B 13 10.26 14.03 -10.63
N GLY B 14 9.72 12.88 -10.23
CA GLY B 14 10.22 12.18 -9.06
C GLY B 14 9.10 11.97 -8.04
N GLU B 15 8.89 10.70 -7.70
CA GLU B 15 7.86 10.34 -6.74
C GLU B 15 8.41 10.43 -5.32
N ARG B 16 7.68 11.16 -4.48
CA ARG B 16 8.08 11.34 -3.10
C ARG B 16 8.28 9.98 -2.43
N ARG B 17 8.95 10.01 -1.28
CA ARG B 17 9.20 8.79 -0.54
C ARG B 17 8.26 8.69 0.66
N ARG B 18 7.17 7.95 0.46
CA ARG B 18 6.19 7.77 1.51
C ARG B 18 5.80 9.13 2.11
N SER B 19 5.67 10.11 1.25
CA SER B 19 5.31 11.45 1.68
C SER B 19 4.30 11.38 2.83
N GLN B 20 3.10 10.94 2.49
CA GLN B 20 2.04 10.83 3.48
C GLN B 20 1.77 9.35 3.79
N LEU B 21 2.85 8.63 4.06
CA LEU B 21 2.73 7.21 4.37
C LEU B 21 3.64 6.89 5.56
N ASP B 22 3.02 6.80 6.73
CA ASP B 22 3.75 6.50 7.95
C ASP B 22 3.86 4.98 8.10
N ARG B 23 4.65 4.58 9.09
CA ARG B 23 4.85 3.16 9.35
C ARG B 23 3.58 2.54 9.91
N ASP B 24 2.57 3.38 10.10
CA ASP B 24 1.31 2.93 10.62
C ASP B 24 0.17 3.48 9.75
N GLN B 25 0.51 3.80 8.51
CA GLN B 25 -0.45 4.34 7.58
C GLN B 25 -0.62 3.40 6.39
N CYS B 26 -1.85 3.32 5.91
CA CYS B 26 -2.17 2.46 4.77
C CYS B 26 -1.56 3.08 3.52
N ALA B 27 -0.82 2.27 2.78
CA ALA B 27 -0.18 2.73 1.57
C ALA B 27 -1.05 2.34 0.37
N TYR B 28 -2.36 2.35 0.59
CA TYR B 28 -3.30 1.99 -0.46
C TYR B 28 -4.40 3.05 -0.58
N CYS B 29 -5.17 3.17 0.50
CA CYS B 29 -6.26 4.14 0.52
C CYS B 29 -5.74 5.43 1.15
N LYS B 30 -4.64 5.29 1.88
CA LYS B 30 -4.03 6.44 2.53
C LYS B 30 -4.69 6.66 3.90
N GLU B 31 -5.23 5.57 4.43
CA GLU B 31 -5.90 5.62 5.73
C GLU B 31 -4.95 5.14 6.83
N LYS B 32 -4.86 5.96 7.87
CA LYS B 32 -3.99 5.64 8.99
C LYS B 32 -4.76 4.74 9.98
N GLY B 33 -4.05 3.75 10.50
CA GLY B 33 -4.65 2.83 11.46
C GLY B 33 -4.45 1.39 11.01
N HIS B 34 -4.59 1.18 9.71
CA HIS B 34 -4.43 -0.15 9.13
C HIS B 34 -3.36 -0.11 8.05
N TRP B 35 -2.88 -1.31 7.69
CA TRP B 35 -1.86 -1.42 6.66
C TRP B 35 -2.55 -1.79 5.35
N ALA B 36 -1.83 -1.56 4.26
CA ALA B 36 -2.35 -1.87 2.94
C ALA B 36 -2.71 -3.36 2.86
N LYS B 37 -1.89 -4.17 3.53
CA LYS B 37 -2.11 -5.60 3.54
C LYS B 37 -3.41 -5.91 4.27
N ASP B 38 -3.93 -4.89 4.96
CA ASP B 38 -5.16 -5.04 5.70
C ASP B 38 -6.11 -3.90 5.33
N CYS B 39 -5.96 -3.42 4.11
CA CYS B 39 -6.79 -2.33 3.62
C CYS B 39 -8.23 -2.85 3.48
N PRO B 40 -9.17 -2.13 4.14
CA PRO B 40 -10.57 -2.51 4.09
C PRO B 40 -11.19 -2.14 2.74
N LYS B 41 -10.36 -1.58 1.88
CA LYS B 41 -10.81 -1.17 0.56
C LYS B 41 -10.27 -2.14 -0.49
N LYS B 42 -9.27 -2.91 -0.06
CA LYS B 42 -8.64 -3.89 -0.94
C LYS B 42 -9.73 -4.81 -1.51
N PRO B 43 -9.44 -5.34 -2.73
CA PRO B 43 -10.37 -6.24 -3.40
C PRO B 43 -10.36 -7.62 -2.75
N ARG B 44 -9.15 -8.13 -2.54
CA ARG B 44 -8.99 -9.44 -1.92
C ARG B 44 -7.86 -9.42 -0.89
N GLY B 45 -8.02 -10.23 0.14
CA GLY B 45 -7.03 -10.31 1.20
C GLY B 45 -7.67 -10.68 2.53
N PRO B 46 -6.80 -10.85 3.56
CA PRO B 46 -5.37 -10.69 3.37
C PRO B 46 -4.78 -11.89 2.62
N ARG B 47 -5.13 -13.07 3.09
CA ARG B 47 -4.65 -14.30 2.48
C ARG B 47 -5.82 -15.16 2.00
N GLY B 48 -5.92 -15.29 0.68
CA GLY B 48 -6.99 -16.08 0.08
C GLY B 48 -7.10 -17.44 0.77
N PRO B 49 -8.33 -18.03 0.66
CA PRO B 49 -8.59 -19.32 1.27
C PRO B 49 -7.95 -20.45 0.45
N ARG B 50 -6.95 -21.07 1.04
CA ARG B 50 -6.24 -22.15 0.39
C ARG B 50 -5.85 -21.75 -1.04
N PRO B 51 -4.60 -21.21 -1.16
CA PRO B 51 -4.09 -20.79 -2.45
C PRO B 51 -3.71 -21.99 -3.32
N GLN B 52 -2.89 -22.86 -2.74
CA GLN B 52 -2.44 -24.05 -3.44
C GLN B 52 -1.71 -23.66 -4.71
N THR B 53 -0.51 -23.14 -4.54
CA THR B 53 0.31 -22.72 -5.66
C THR B 53 1.71 -23.33 -5.57
N SER B 54 2.36 -23.06 -4.45
CA SER B 54 3.70 -23.58 -4.21
C SER B 54 4.65 -23.07 -5.31
N LEU B 55 5.91 -22.99 -4.95
CA LEU B 55 6.93 -22.52 -5.88
C LEU B 55 7.91 -23.66 -6.18
N LEU B 56 8.16 -23.87 -7.46
CA LEU B 56 9.07 -24.92 -7.89
C LEU B 56 9.79 -24.48 -9.16
N ALA B 1 3.77 -9.29 -49.96
CA ALA B 1 3.65 -9.72 -48.58
C ALA B 1 4.16 -8.61 -47.66
N THR B 2 3.21 -7.97 -46.99
CA THR B 2 3.55 -6.89 -46.07
C THR B 2 2.84 -7.09 -44.73
N VAL B 3 3.64 -7.35 -43.71
CA VAL B 3 3.11 -7.56 -42.37
C VAL B 3 2.36 -6.31 -41.92
N VAL B 4 1.17 -6.52 -41.38
CA VAL B 4 0.35 -5.42 -40.91
C VAL B 4 0.05 -5.61 -39.42
N SER B 5 1.11 -5.53 -38.62
CA SER B 5 0.99 -5.69 -37.19
C SER B 5 1.91 -4.71 -36.46
N GLY B 6 1.52 -4.39 -35.23
CA GLY B 6 2.31 -3.46 -34.43
C GLY B 6 1.51 -2.99 -33.20
N GLN B 7 2.20 -2.29 -32.33
CA GLN B 7 1.58 -1.78 -31.11
C GLN B 7 2.50 -0.78 -30.42
N LYS B 8 1.95 -0.11 -29.42
CA LYS B 8 2.70 0.87 -28.66
C LYS B 8 2.37 0.74 -27.18
N GLN B 9 3.41 0.84 -26.36
CA GLN B 9 3.24 0.74 -24.92
C GLN B 9 4.17 1.71 -24.21
N ASP B 10 3.57 2.59 -23.40
CA ASP B 10 4.35 3.56 -22.65
C ASP B 10 4.18 3.30 -21.16
N ARG B 11 5.13 3.82 -20.39
CA ARG B 11 5.10 3.65 -18.95
C ARG B 11 5.23 5.01 -18.25
N GLN B 12 4.93 5.01 -16.96
CA GLN B 12 5.01 6.23 -16.17
C GLN B 12 6.27 6.21 -15.31
N GLY B 13 6.59 7.38 -14.75
CA GLY B 13 7.76 7.51 -13.91
C GLY B 13 7.36 7.84 -12.47
N GLY B 14 7.79 9.01 -12.01
CA GLY B 14 7.48 9.45 -10.67
C GLY B 14 8.10 8.50 -9.63
N GLU B 15 8.60 9.10 -8.56
CA GLU B 15 9.20 8.32 -7.48
C GLU B 15 9.30 9.16 -6.21
N ARG B 16 8.63 8.67 -5.17
CA ARG B 16 8.63 9.37 -3.89
C ARG B 16 9.04 8.40 -2.77
N ARG B 17 9.80 8.93 -1.83
CA ARG B 17 10.26 8.14 -0.70
C ARG B 17 9.08 7.46 -0.02
N ARG B 18 7.97 8.18 0.05
CA ARG B 18 6.77 7.65 0.67
C ARG B 18 5.84 8.80 1.08
N SER B 19 5.11 9.30 0.08
CA SER B 19 4.18 10.38 0.31
C SER B 19 3.48 10.20 1.66
N GLN B 20 4.02 10.89 2.66
CA GLN B 20 3.46 10.80 4.00
C GLN B 20 2.95 9.38 4.28
N LEU B 21 3.87 8.43 4.16
CA LEU B 21 3.53 7.03 4.40
C LEU B 21 4.06 6.62 5.77
N ASP B 22 3.27 6.92 6.79
CA ASP B 22 3.64 6.59 8.15
C ASP B 22 3.83 5.07 8.26
N ARG B 23 4.55 4.68 9.30
CA ARG B 23 4.82 3.26 9.54
C ARG B 23 3.52 2.53 9.89
N ASP B 24 2.46 3.32 10.08
CA ASP B 24 1.17 2.76 10.41
C ASP B 24 0.09 3.40 9.54
N GLN B 25 0.53 3.85 8.36
CA GLN B 25 -0.38 4.49 7.42
C GLN B 25 -0.55 3.60 6.18
N CYS B 26 -1.80 3.28 5.89
CA CYS B 26 -2.12 2.45 4.75
C CYS B 26 -1.52 3.11 3.50
N ALA B 27 -0.82 2.30 2.72
CA ALA B 27 -0.20 2.79 1.51
C ALA B 27 -1.06 2.42 0.30
N TYR B 28 -2.37 2.39 0.54
CA TYR B 28 -3.31 2.05 -0.50
C TYR B 28 -4.42 3.11 -0.60
N CYS B 29 -5.18 3.22 0.48
CA CYS B 29 -6.27 4.18 0.53
C CYS B 29 -5.75 5.47 1.19
N LYS B 30 -4.67 5.32 1.94
CA LYS B 30 -4.07 6.45 2.62
C LYS B 30 -4.72 6.62 4.00
N GLU B 31 -5.25 5.52 4.50
CA GLU B 31 -5.90 5.53 5.81
C GLU B 31 -4.90 5.13 6.89
N LYS B 32 -4.83 5.97 7.92
CA LYS B 32 -3.93 5.72 9.03
C LYS B 32 -4.66 4.88 10.09
N GLY B 33 -4.05 3.75 10.41
CA GLY B 33 -4.63 2.86 11.41
C GLY B 33 -4.47 1.40 10.98
N HIS B 34 -4.63 1.17 9.68
CA HIS B 34 -4.52 -0.16 9.14
C HIS B 34 -3.43 -0.19 8.05
N TRP B 35 -2.88 -1.38 7.84
CA TRP B 35 -1.84 -1.55 6.83
C TRP B 35 -2.52 -1.86 5.50
N ALA B 36 -1.78 -1.63 4.43
CA ALA B 36 -2.29 -1.90 3.09
C ALA B 36 -2.66 -3.37 2.97
N LYS B 37 -1.89 -4.20 3.66
CA LYS B 37 -2.12 -5.63 3.65
C LYS B 37 -3.45 -5.95 4.32
N ASP B 38 -4.00 -4.92 4.97
CA ASP B 38 -5.26 -5.08 5.66
C ASP B 38 -6.22 -3.97 5.21
N CYS B 39 -5.97 -3.46 4.02
CA CYS B 39 -6.79 -2.40 3.47
C CYS B 39 -8.16 -2.99 3.13
N PRO B 40 -9.23 -2.26 3.57
CA PRO B 40 -10.59 -2.70 3.31
C PRO B 40 -10.98 -2.46 1.86
N LYS B 41 -10.03 -1.93 1.10
CA LYS B 41 -10.26 -1.65 -0.31
C LYS B 41 -9.64 -2.76 -1.16
N LYS B 42 -8.73 -3.49 -0.54
CA LYS B 42 -8.05 -4.58 -1.21
C LYS B 42 -9.07 -5.69 -1.53
N PRO B 43 -9.32 -5.88 -2.84
CA PRO B 43 -10.26 -6.90 -3.29
C PRO B 43 -9.65 -8.30 -3.17
N ARG B 44 -10.46 -9.29 -3.52
CA ARG B 44 -10.01 -10.67 -3.46
C ARG B 44 -10.53 -11.45 -4.67
N GLY B 45 -9.85 -11.27 -5.79
CA GLY B 45 -10.24 -11.95 -7.01
C GLY B 45 -9.35 -13.16 -7.28
N PRO B 46 -9.66 -13.88 -8.38
CA PRO B 46 -10.79 -13.50 -9.22
C PRO B 46 -12.12 -13.85 -8.57
N ARG B 47 -13.03 -12.89 -8.59
CA ARG B 47 -14.34 -13.09 -8.01
C ARG B 47 -15.43 -12.89 -9.06
N GLY B 48 -16.37 -13.82 -9.07
CA GLY B 48 -17.47 -13.76 -10.02
C GLY B 48 -18.15 -15.13 -10.17
N PRO B 49 -19.26 -15.29 -9.41
CA PRO B 49 -20.00 -16.54 -9.45
C PRO B 49 -20.82 -16.66 -10.73
N ARG B 50 -20.64 -17.79 -11.42
CA ARG B 50 -21.35 -18.03 -12.66
C ARG B 50 -22.32 -19.21 -12.49
N PRO B 51 -23.43 -19.14 -13.26
CA PRO B 51 -24.43 -20.19 -13.21
C PRO B 51 -23.95 -21.44 -13.95
N GLN B 52 -24.80 -22.48 -13.89
CA GLN B 52 -24.47 -23.73 -14.54
C GLN B 52 -25.50 -24.05 -15.63
N THR B 53 -25.10 -23.78 -16.87
CA THR B 53 -25.98 -24.04 -18.00
C THR B 53 -25.18 -24.62 -19.16
N SER B 54 -25.26 -25.93 -19.28
CA SER B 54 -24.56 -26.63 -20.35
C SER B 54 -25.54 -27.49 -21.15
N LEU B 55 -25.64 -27.18 -22.43
CA LEU B 55 -26.53 -27.91 -23.31
C LEU B 55 -25.71 -28.71 -24.32
N LEU B 56 -24.94 -27.99 -25.12
CA LEU B 56 -24.10 -28.63 -26.13
C LEU B 56 -23.06 -29.50 -25.44
N ALA B 1 24.02 44.76 -1.78
CA ALA B 1 24.18 43.86 -0.65
C ALA B 1 23.35 42.60 -0.88
N THR B 2 23.91 41.48 -0.44
CA THR B 2 23.23 40.20 -0.59
C THR B 2 23.90 39.13 0.28
N VAL B 3 23.07 38.25 0.81
CA VAL B 3 23.56 37.18 1.66
C VAL B 3 22.76 35.91 1.39
N VAL B 4 23.48 34.79 1.35
CA VAL B 4 22.83 33.51 1.11
C VAL B 4 23.33 32.49 2.15
N SER B 5 22.44 31.58 2.52
CA SER B 5 22.77 30.56 3.49
C SER B 5 22.39 29.18 2.95
N GLY B 6 23.19 28.19 3.32
CA GLY B 6 22.96 26.82 2.88
C GLY B 6 23.01 25.85 4.07
N GLN B 7 22.39 24.70 3.86
CA GLN B 7 22.37 23.68 4.90
C GLN B 7 21.62 22.44 4.40
N LYS B 8 22.30 21.31 4.49
CA LYS B 8 21.72 20.05 4.05
C LYS B 8 22.45 18.89 4.72
N GLN B 9 21.68 17.84 5.00
CA GLN B 9 22.24 16.66 5.65
C GLN B 9 21.47 15.42 5.24
N ASP B 10 22.11 14.61 4.40
CA ASP B 10 21.51 13.38 3.91
C ASP B 10 22.03 12.21 4.74
N ARG B 11 21.13 11.25 4.98
CA ARG B 11 21.49 10.07 5.75
C ARG B 11 21.58 8.85 4.83
N GLN B 12 22.80 8.46 4.52
CA GLN B 12 23.03 7.32 3.66
C GLN B 12 22.23 6.11 4.16
N GLY B 13 21.81 5.29 3.20
CA GLY B 13 21.03 4.11 3.52
C GLY B 13 19.88 3.91 2.53
N GLY B 14 18.70 4.33 2.96
CA GLY B 14 17.52 4.21 2.12
C GLY B 14 17.28 5.49 1.33
N GLU B 15 16.94 6.54 2.05
CA GLU B 15 16.69 7.84 1.42
C GLU B 15 15.76 7.66 0.22
N ARG B 16 14.50 7.39 0.51
CA ARG B 16 13.51 7.20 -0.54
C ARG B 16 12.32 8.14 -0.32
N ARG B 17 11.48 8.22 -1.35
CA ARG B 17 10.31 9.07 -1.28
C ARG B 17 9.04 8.23 -1.25
N ARG B 18 8.44 8.15 -0.07
CA ARG B 18 7.22 7.37 0.11
C ARG B 18 6.18 8.20 0.86
N SER B 19 5.92 9.39 0.34
CA SER B 19 4.94 10.27 0.95
C SER B 19 5.04 10.19 2.47
N GLN B 20 3.89 10.36 3.12
CA GLN B 20 3.83 10.30 4.57
C GLN B 20 3.42 8.90 5.02
N LEU B 21 3.96 7.91 4.33
CA LEU B 21 3.66 6.53 4.65
C LEU B 21 4.16 6.21 6.06
N ASP B 22 3.29 6.48 7.03
CA ASP B 22 3.63 6.23 8.43
C ASP B 22 3.75 4.73 8.66
N ARG B 23 4.43 4.38 9.74
CA ARG B 23 4.63 2.98 10.08
C ARG B 23 3.29 2.34 10.48
N ASP B 24 2.26 3.18 10.55
CA ASP B 24 0.94 2.72 10.91
C ASP B 24 -0.08 3.30 9.94
N GLN B 25 0.38 3.59 8.74
CA GLN B 25 -0.47 4.16 7.71
C GLN B 25 -0.81 3.09 6.66
N CYS B 26 -1.55 3.51 5.65
CA CYS B 26 -1.96 2.62 4.59
C CYS B 26 -1.45 3.17 3.26
N ALA B 27 -0.75 2.33 2.52
CA ALA B 27 -0.21 2.73 1.23
C ALA B 27 -1.18 2.31 0.12
N TYR B 28 -2.46 2.34 0.46
CA TYR B 28 -3.50 1.96 -0.49
C TYR B 28 -4.59 3.02 -0.56
N CYS B 29 -5.27 3.20 0.56
CA CYS B 29 -6.34 4.18 0.63
C CYS B 29 -5.79 5.45 1.28
N LYS B 30 -4.55 5.34 1.75
CA LYS B 30 -3.89 6.47 2.40
C LYS B 30 -4.51 6.70 3.77
N GLU B 31 -5.09 5.64 4.31
CA GLU B 31 -5.72 5.72 5.62
C GLU B 31 -4.70 5.47 6.72
N LYS B 32 -5.09 5.78 7.94
CA LYS B 32 -4.21 5.60 9.09
C LYS B 32 -4.92 4.73 10.13
N GLY B 33 -4.22 3.71 10.58
CA GLY B 33 -4.76 2.80 11.58
C GLY B 33 -4.63 1.35 11.12
N HIS B 34 -4.53 1.18 9.82
CA HIS B 34 -4.39 -0.16 9.26
C HIS B 34 -3.29 -0.15 8.19
N TRP B 35 -2.89 -1.35 7.79
CA TRP B 35 -1.85 -1.49 6.79
C TRP B 35 -2.52 -1.83 5.46
N ALA B 36 -1.79 -1.57 4.38
CA ALA B 36 -2.32 -1.84 3.04
C ALA B 36 -2.70 -3.31 2.94
N LYS B 37 -1.85 -4.15 3.53
CA LYS B 37 -2.09 -5.59 3.50
C LYS B 37 -3.40 -5.89 4.22
N ASP B 38 -3.89 -4.91 4.96
CA ASP B 38 -5.13 -5.05 5.69
C ASP B 38 -6.07 -3.90 5.33
N CYS B 39 -5.90 -3.40 4.12
CA CYS B 39 -6.73 -2.31 3.64
C CYS B 39 -8.15 -2.85 3.44
N PRO B 40 -9.13 -2.07 3.97
CA PRO B 40 -10.53 -2.45 3.85
C PRO B 40 -11.06 -2.21 2.43
N LYS B 41 -10.15 -1.73 1.58
CA LYS B 41 -10.51 -1.45 0.19
C LYS B 41 -10.01 -2.59 -0.69
N LYS B 42 -9.07 -3.34 -0.15
CA LYS B 42 -8.50 -4.47 -0.89
C LYS B 42 -9.57 -5.55 -1.07
N PRO B 43 -9.41 -6.34 -2.16
CA PRO B 43 -10.35 -7.40 -2.46
C PRO B 43 -10.15 -8.60 -1.52
N ARG B 44 -11.03 -8.69 -0.54
CA ARG B 44 -10.96 -9.78 0.42
C ARG B 44 -12.04 -10.82 0.12
N GLY B 45 -11.76 -11.63 -0.89
CA GLY B 45 -12.69 -12.67 -1.29
C GLY B 45 -12.88 -12.69 -2.81
N PRO B 46 -13.67 -13.69 -3.28
CA PRO B 46 -14.30 -14.64 -2.37
C PRO B 46 -13.27 -15.66 -1.87
N ARG B 47 -13.58 -16.24 -0.71
CA ARG B 47 -12.69 -17.22 -0.11
C ARG B 47 -11.44 -16.55 0.44
N GLY B 48 -11.46 -16.29 1.74
CA GLY B 48 -10.33 -15.65 2.39
C GLY B 48 -9.01 -16.17 1.84
N PRO B 49 -8.42 -15.36 0.91
CA PRO B 49 -7.16 -15.73 0.30
C PRO B 49 -6.00 -15.52 1.27
N ARG B 50 -6.11 -16.17 2.43
CA ARG B 50 -5.08 -16.06 3.45
C ARG B 50 -3.69 -16.23 2.82
N PRO B 51 -2.72 -15.41 3.31
CA PRO B 51 -1.36 -15.47 2.81
C PRO B 51 -0.63 -16.69 3.35
N GLN B 52 0.37 -17.14 2.60
CA GLN B 52 1.16 -18.29 3.00
C GLN B 52 2.49 -17.85 3.60
N THR B 53 3.19 -18.81 4.16
CA THR B 53 4.49 -18.53 4.78
C THR B 53 5.60 -18.57 3.72
N SER B 54 6.47 -17.59 3.78
CA SER B 54 7.57 -17.49 2.84
C SER B 54 8.83 -18.13 3.45
N LEU B 55 9.11 -19.35 3.02
CA LEU B 55 10.27 -20.07 3.51
C LEU B 55 11.37 -20.04 2.46
N LEU B 56 11.07 -20.66 1.32
CA LEU B 56 12.02 -20.71 0.22
C LEU B 56 11.26 -21.01 -1.07
N ALA B 1 22.04 -9.73 19.04
CA ALA B 1 21.95 -10.35 17.73
C ALA B 1 20.96 -11.52 17.80
N THR B 2 19.70 -11.19 17.62
CA THR B 2 18.65 -12.20 17.65
C THR B 2 17.84 -12.16 16.36
N VAL B 3 18.45 -12.64 15.30
CA VAL B 3 17.79 -12.67 14.00
C VAL B 3 18.65 -13.45 13.01
N VAL B 4 18.00 -14.29 12.23
CA VAL B 4 18.70 -15.09 11.24
C VAL B 4 17.94 -15.04 9.92
N SER B 5 18.43 -14.22 9.01
CA SER B 5 17.81 -14.06 7.70
C SER B 5 18.82 -14.39 6.60
N GLY B 6 18.29 -14.88 5.49
CA GLY B 6 19.13 -15.23 4.36
C GLY B 6 18.35 -15.14 3.04
N GLN B 7 18.07 -13.90 2.65
CA GLN B 7 17.33 -13.66 1.42
C GLN B 7 17.71 -12.30 0.84
N LYS B 8 18.51 -12.35 -0.22
CA LYS B 8 18.95 -11.13 -0.87
C LYS B 8 18.42 -11.10 -2.31
N GLN B 9 17.12 -10.86 -2.43
CA GLN B 9 16.48 -10.82 -3.73
C GLN B 9 15.34 -9.80 -3.73
N ASP B 10 15.62 -8.66 -4.35
CA ASP B 10 14.63 -7.60 -4.42
C ASP B 10 15.01 -6.62 -5.54
N ARG B 11 14.01 -5.90 -6.02
CA ARG B 11 14.23 -4.94 -7.08
C ARG B 11 12.92 -4.24 -7.45
N GLN B 12 12.76 -3.04 -6.89
CA GLN B 12 11.56 -2.26 -7.15
C GLN B 12 11.67 -0.89 -6.48
N GLY B 13 11.02 0.09 -7.09
CA GLY B 13 11.03 1.45 -6.56
C GLY B 13 10.51 2.44 -7.60
N GLY B 14 9.58 3.28 -7.15
CA GLY B 14 9.00 4.27 -8.02
C GLY B 14 8.39 5.42 -7.21
N GLU B 15 9.23 6.03 -6.38
CA GLU B 15 8.80 7.13 -5.55
C GLU B 15 10.01 7.84 -4.94
N ARG B 16 9.74 8.98 -4.30
CA ARG B 16 10.79 9.75 -3.67
C ARG B 16 11.25 9.07 -2.38
N ARG B 17 10.30 8.81 -1.51
CA ARG B 17 10.59 8.17 -0.23
C ARG B 17 9.33 8.08 0.62
N ARG B 18 8.57 7.02 0.38
CA ARG B 18 7.34 6.80 1.12
C ARG B 18 6.57 8.12 1.28
N SER B 19 6.04 8.61 0.17
CA SER B 19 5.30 9.85 0.18
C SER B 19 4.38 9.91 1.40
N GLN B 20 4.87 10.56 2.44
CA GLN B 20 4.09 10.69 3.66
C GLN B 20 3.35 9.39 3.96
N LEU B 21 4.10 8.29 3.96
CA LEU B 21 3.52 6.99 4.22
C LEU B 21 3.96 6.52 5.61
N ASP B 22 3.18 6.92 6.61
CA ASP B 22 3.47 6.55 7.98
C ASP B 22 3.71 5.05 8.06
N ARG B 23 4.56 4.66 9.00
CA ARG B 23 4.88 3.25 9.19
C ARG B 23 3.66 2.49 9.71
N ASP B 24 2.62 3.26 10.02
CA ASP B 24 1.39 2.67 10.53
C ASP B 24 0.20 3.24 9.76
N GLN B 25 0.48 3.66 8.54
CA GLN B 25 -0.55 4.22 7.68
C GLN B 25 -0.69 3.38 6.41
N CYS B 26 -1.94 3.15 6.03
CA CYS B 26 -2.24 2.36 4.84
C CYS B 26 -1.60 3.06 3.64
N ALA B 27 -0.88 2.26 2.85
CA ALA B 27 -0.21 2.79 1.68
C ALA B 27 -1.03 2.43 0.43
N TYR B 28 -2.34 2.36 0.63
CA TYR B 28 -3.24 2.04 -0.46
C TYR B 28 -4.35 3.09 -0.59
N CYS B 29 -5.14 3.20 0.46
CA CYS B 29 -6.23 4.15 0.48
C CYS B 29 -5.73 5.45 1.13
N LYS B 30 -4.72 5.29 1.98
CA LYS B 30 -4.13 6.43 2.67
C LYS B 30 -4.82 6.61 4.02
N GLU B 31 -5.33 5.49 4.54
CA GLU B 31 -6.01 5.52 5.82
C GLU B 31 -5.05 5.12 6.94
N LYS B 32 -4.74 6.10 7.78
CA LYS B 32 -3.84 5.88 8.89
C LYS B 32 -4.52 4.99 9.93
N GLY B 33 -3.88 3.88 10.24
CA GLY B 33 -4.43 2.96 11.22
C GLY B 33 -4.19 1.50 10.79
N HIS B 34 -4.68 1.19 9.60
CA HIS B 34 -4.54 -0.15 9.06
C HIS B 34 -3.47 -0.15 7.95
N TRP B 35 -2.89 -1.32 7.74
CA TRP B 35 -1.86 -1.47 6.72
C TRP B 35 -2.54 -1.81 5.40
N ALA B 36 -1.82 -1.58 4.31
CA ALA B 36 -2.35 -1.87 2.99
C ALA B 36 -2.68 -3.35 2.88
N LYS B 37 -1.88 -4.15 3.58
CA LYS B 37 -2.08 -5.59 3.57
C LYS B 37 -3.38 -5.93 4.30
N ASP B 38 -3.95 -4.91 4.93
CA ASP B 38 -5.19 -5.09 5.67
C ASP B 38 -6.19 -4.00 5.25
N CYS B 39 -5.93 -3.43 4.08
CA CYS B 39 -6.79 -2.39 3.55
C CYS B 39 -8.18 -2.98 3.33
N PRO B 40 -9.19 -2.31 3.95
CA PRO B 40 -10.57 -2.76 3.82
C PRO B 40 -11.14 -2.41 2.45
N LYS B 41 -10.30 -1.79 1.63
CA LYS B 41 -10.71 -1.41 0.30
C LYS B 41 -9.97 -2.28 -0.72
N LYS B 42 -9.40 -3.36 -0.23
CA LYS B 42 -8.67 -4.28 -1.08
C LYS B 42 -9.50 -5.54 -1.30
N PRO B 43 -10.09 -5.64 -2.53
CA PRO B 43 -10.91 -6.79 -2.88
C PRO B 43 -10.05 -8.02 -3.14
N ARG B 44 -10.72 -9.09 -3.57
CA ARG B 44 -10.02 -10.33 -3.86
C ARG B 44 -9.29 -10.84 -2.61
N GLY B 45 -9.11 -12.15 -2.56
CA GLY B 45 -8.43 -12.77 -1.44
C GLY B 45 -8.70 -14.28 -1.41
N PRO B 46 -8.03 -14.96 -0.43
CA PRO B 46 -7.15 -14.26 0.49
C PRO B 46 -5.83 -13.88 -0.19
N ARG B 47 -4.99 -13.20 0.56
CA ARG B 47 -3.70 -12.77 0.05
C ARG B 47 -2.95 -13.96 -0.57
N GLY B 48 -2.18 -13.67 -1.60
CA GLY B 48 -1.41 -14.70 -2.28
C GLY B 48 -0.94 -14.21 -3.65
N PRO B 49 0.33 -13.73 -3.68
CA PRO B 49 0.92 -13.24 -4.92
C PRO B 49 1.30 -14.39 -5.84
N ARG B 50 0.78 -14.31 -7.07
CA ARG B 50 1.06 -15.34 -8.06
C ARG B 50 2.39 -15.06 -8.75
N PRO B 51 3.22 -16.13 -8.88
CA PRO B 51 4.51 -16.01 -9.52
C PRO B 51 4.37 -15.91 -11.04
N GLN B 52 3.87 -14.77 -11.48
CA GLN B 52 3.67 -14.53 -12.90
C GLN B 52 4.20 -13.16 -13.28
N THR B 53 5.26 -13.17 -14.08
CA THR B 53 5.87 -11.92 -14.54
C THR B 53 4.79 -10.96 -15.06
N SER B 54 4.79 -9.76 -14.50
CA SER B 54 3.83 -8.75 -14.90
C SER B 54 4.34 -8.02 -16.14
N LEU B 55 3.39 -7.65 -17.00
CA LEU B 55 3.72 -6.94 -18.23
C LEU B 55 4.38 -5.61 -17.88
N LEU B 56 4.93 -4.97 -18.90
CA LEU B 56 5.59 -3.68 -18.72
C LEU B 56 4.54 -2.64 -18.31
N ALA B 1 18.30 -12.39 26.06
CA ALA B 1 17.82 -11.40 27.01
C ALA B 1 18.27 -11.80 28.42
N THR B 2 19.59 -11.91 28.58
CA THR B 2 20.15 -12.27 29.86
C THR B 2 21.20 -11.24 30.30
N VAL B 3 20.71 -10.04 30.59
CA VAL B 3 21.60 -8.96 31.01
C VAL B 3 22.55 -8.61 29.88
N VAL B 4 22.92 -7.35 29.82
CA VAL B 4 23.82 -6.87 28.79
C VAL B 4 23.16 -7.03 27.42
N SER B 5 22.72 -5.91 26.86
CA SER B 5 22.07 -5.92 25.57
C SER B 5 21.89 -4.49 25.06
N GLY B 6 22.91 -4.02 24.36
CA GLY B 6 22.88 -2.66 23.82
C GLY B 6 23.30 -2.65 22.35
N GLN B 7 22.32 -2.87 21.48
CA GLN B 7 22.58 -2.89 20.05
C GLN B 7 21.50 -2.09 19.31
N LYS B 8 21.96 -1.27 18.37
CA LYS B 8 21.05 -0.46 17.58
C LYS B 8 21.59 -0.32 16.16
N GLN B 9 20.68 -0.35 15.20
CA GLN B 9 21.05 -0.24 13.80
C GLN B 9 20.03 0.61 13.05
N ASP B 10 20.38 1.87 12.84
CA ASP B 10 19.50 2.78 12.13
C ASP B 10 20.23 4.12 11.93
N ARG B 11 20.46 4.45 10.68
CA ARG B 11 21.13 5.69 10.34
C ARG B 11 20.42 6.39 9.18
N GLN B 12 20.69 7.68 9.06
CA GLN B 12 20.07 8.47 8.01
C GLN B 12 21.02 9.58 7.55
N GLY B 13 21.01 9.84 6.25
CA GLY B 13 21.87 10.86 5.69
C GLY B 13 21.82 10.83 4.16
N GLY B 14 20.73 11.33 3.62
CA GLY B 14 20.55 11.37 2.17
C GLY B 14 19.15 11.86 1.81
N GLU B 15 18.55 11.18 0.83
CA GLU B 15 17.22 11.54 0.37
C GLU B 15 16.41 10.27 0.08
N ARG B 16 15.35 10.08 0.86
CA ARG B 16 14.49 8.92 0.68
C ARG B 16 13.24 9.06 1.54
N ARG B 17 12.19 9.58 0.92
CA ARG B 17 10.92 9.78 1.61
C ARG B 17 9.82 8.98 0.92
N ARG B 18 9.24 8.06 1.67
CA ARG B 18 8.17 7.22 1.14
C ARG B 18 6.84 7.99 1.15
N SER B 19 6.87 9.15 0.51
CA SER B 19 5.68 9.99 0.43
C SER B 19 5.00 10.05 1.80
N GLN B 20 5.77 10.47 2.79
CA GLN B 20 5.25 10.57 4.15
C GLN B 20 4.31 9.40 4.45
N LEU B 21 4.76 8.21 4.08
CA LEU B 21 3.98 7.02 4.31
C LEU B 21 4.24 6.50 5.73
N ASP B 22 3.48 7.03 6.67
CA ASP B 22 3.62 6.63 8.06
C ASP B 22 3.82 5.12 8.14
N ARG B 23 4.62 4.71 9.11
CA ARG B 23 4.90 3.29 9.30
C ARG B 23 3.63 2.57 9.76
N ASP B 24 2.61 3.35 10.03
CA ASP B 24 1.35 2.80 10.48
C ASP B 24 0.21 3.39 9.66
N GLN B 25 0.54 3.79 8.44
CA GLN B 25 -0.44 4.39 7.55
C GLN B 25 -0.61 3.52 6.29
N CYS B 26 -1.86 3.22 5.97
CA CYS B 26 -2.17 2.42 4.80
C CYS B 26 -1.55 3.09 3.58
N ALA B 27 -0.86 2.29 2.79
CA ALA B 27 -0.21 2.79 1.58
C ALA B 27 -1.06 2.42 0.37
N TYR B 28 -2.37 2.34 0.59
CA TYR B 28 -3.29 2.00 -0.47
C TYR B 28 -4.39 3.05 -0.60
N CYS B 29 -5.17 3.18 0.48
CA CYS B 29 -6.26 4.14 0.49
C CYS B 29 -5.74 5.43 1.13
N LYS B 30 -4.70 5.30 1.93
CA LYS B 30 -4.11 6.44 2.60
C LYS B 30 -4.76 6.62 3.97
N GLU B 31 -5.27 5.52 4.50
CA GLU B 31 -5.93 5.54 5.80
C GLU B 31 -4.95 5.14 6.90
N LYS B 32 -4.82 6.02 7.89
CA LYS B 32 -3.93 5.77 9.00
C LYS B 32 -4.62 4.88 10.02
N GLY B 33 -3.94 3.80 10.38
CA GLY B 33 -4.48 2.86 11.35
C GLY B 33 -4.27 1.42 10.89
N HIS B 34 -4.70 1.14 9.67
CA HIS B 34 -4.55 -0.19 9.11
C HIS B 34 -3.48 -0.17 8.02
N TRP B 35 -2.91 -1.35 7.78
CA TRP B 35 -1.86 -1.48 6.78
C TRP B 35 -2.54 -1.82 5.45
N ALA B 36 -1.80 -1.60 4.37
CA ALA B 36 -2.30 -1.87 3.03
C ALA B 36 -2.66 -3.36 2.92
N LYS B 37 -1.88 -4.16 3.63
CA LYS B 37 -2.10 -5.60 3.62
C LYS B 37 -3.42 -5.93 4.31
N ASP B 38 -3.98 -4.90 4.95
CA ASP B 38 -5.25 -5.06 5.64
C ASP B 38 -6.20 -3.94 5.22
N CYS B 39 -5.96 -3.43 4.03
CA CYS B 39 -6.80 -2.37 3.48
C CYS B 39 -8.18 -2.94 3.21
N PRO B 40 -9.21 -2.25 3.77
CA PRO B 40 -10.59 -2.68 3.59
C PRO B 40 -11.09 -2.32 2.19
N LYS B 41 -10.20 -1.72 1.42
CA LYS B 41 -10.54 -1.32 0.06
C LYS B 41 -10.01 -2.36 -0.92
N LYS B 42 -9.06 -3.15 -0.43
CA LYS B 42 -8.45 -4.18 -1.25
C LYS B 42 -9.55 -4.91 -2.04
N PRO B 43 -9.14 -5.46 -3.21
CA PRO B 43 -10.07 -6.18 -4.07
C PRO B 43 -10.41 -7.56 -3.48
N ARG B 44 -11.63 -7.68 -3.00
CA ARG B 44 -12.09 -8.92 -2.41
C ARG B 44 -13.31 -9.45 -3.17
N GLY B 45 -13.03 -10.19 -4.23
CA GLY B 45 -14.08 -10.76 -5.05
C GLY B 45 -14.87 -9.67 -5.76
N PRO B 46 -15.83 -10.11 -6.63
CA PRO B 46 -16.06 -11.53 -6.82
C PRO B 46 -14.96 -12.16 -7.66
N ARG B 47 -14.64 -13.41 -7.35
CA ARG B 47 -13.61 -14.13 -8.09
C ARG B 47 -14.06 -14.37 -9.52
N GLY B 48 -13.44 -13.64 -10.44
CA GLY B 48 -13.75 -13.76 -11.85
C GLY B 48 -12.49 -13.76 -12.70
N PRO B 49 -12.62 -14.33 -13.93
CA PRO B 49 -11.49 -14.40 -14.85
C PRO B 49 -11.22 -13.02 -15.47
N ARG B 50 -9.94 -12.75 -15.65
CA ARG B 50 -9.51 -11.48 -16.24
C ARG B 50 -10.33 -11.19 -17.51
N PRO B 51 -10.54 -9.87 -17.76
CA PRO B 51 -11.29 -9.46 -18.93
C PRO B 51 -10.45 -9.58 -20.20
N GLN B 52 -10.36 -10.82 -20.69
CA GLN B 52 -9.59 -11.10 -21.89
C GLN B 52 -10.25 -12.23 -22.69
N THR B 53 -11.24 -11.85 -23.48
CA THR B 53 -11.96 -12.82 -24.30
C THR B 53 -11.81 -12.46 -25.78
N SER B 54 -12.32 -13.36 -26.61
CA SER B 54 -12.26 -13.16 -28.06
C SER B 54 -10.80 -13.02 -28.50
N LEU B 55 -10.31 -14.08 -29.12
CA LEU B 55 -8.93 -14.09 -29.61
C LEU B 55 -8.94 -14.04 -31.13
N LEU B 56 -9.48 -15.10 -31.72
CA LEU B 56 -9.55 -15.19 -33.17
C LEU B 56 -8.16 -14.94 -33.76
N ALA B 1 0.12 26.09 29.13
CA ALA B 1 0.88 25.24 30.02
C ALA B 1 1.18 23.91 29.32
N THR B 2 2.46 23.68 29.08
CA THR B 2 2.89 22.46 28.42
C THR B 2 4.33 22.12 28.80
N VAL B 3 4.61 20.83 28.89
CA VAL B 3 5.93 20.36 29.25
C VAL B 3 6.71 20.04 27.97
N VAL B 4 8.01 20.28 28.03
CA VAL B 4 8.88 20.02 26.89
C VAL B 4 10.09 19.21 27.36
N SER B 5 10.57 18.36 26.46
CA SER B 5 11.72 17.53 26.77
C SER B 5 12.61 17.41 25.53
N GLY B 6 13.86 16.99 25.77
CA GLY B 6 14.82 16.84 24.70
C GLY B 6 14.75 15.42 24.11
N GLN B 7 15.88 15.00 23.56
CA GLN B 7 15.97 13.67 22.97
C GLN B 7 17.41 13.38 22.52
N LYS B 8 17.95 12.31 23.05
CA LYS B 8 19.31 11.91 22.72
C LYS B 8 19.38 11.59 21.23
N GLN B 9 20.51 11.98 20.63
CA GLN B 9 20.72 11.73 19.22
C GLN B 9 21.88 10.75 19.02
N ASP B 10 21.92 10.17 17.83
CA ASP B 10 22.96 9.22 17.49
C ASP B 10 23.09 9.12 15.97
N ARG B 11 24.25 8.64 15.54
CA ARG B 11 24.51 8.49 14.12
C ARG B 11 23.74 7.30 13.56
N GLN B 12 22.72 7.60 12.77
CA GLN B 12 21.90 6.57 12.16
C GLN B 12 21.35 7.05 10.82
N GLY B 13 22.04 6.65 9.76
CA GLY B 13 21.62 7.03 8.42
C GLY B 13 20.57 6.07 7.87
N GLY B 14 19.47 6.64 7.41
CA GLY B 14 18.38 5.84 6.86
C GLY B 14 17.98 6.35 5.47
N GLU B 15 18.19 5.49 4.48
CA GLU B 15 17.84 5.84 3.12
C GLU B 15 16.41 5.41 2.80
N ARG B 16 15.47 6.19 3.32
CA ARG B 16 14.06 5.91 3.10
C ARG B 16 13.37 7.11 2.47
N ARG B 17 12.75 6.88 1.32
CA ARG B 17 12.04 7.94 0.61
C ARG B 17 10.63 7.48 0.23
N ARG B 18 9.92 6.97 1.23
CA ARG B 18 8.57 6.50 1.01
C ARG B 18 7.56 7.54 1.48
N SER B 19 7.63 8.71 0.87
CA SER B 19 6.73 9.80 1.22
C SER B 19 6.50 9.83 2.73
N GLN B 20 5.32 10.29 3.11
CA GLN B 20 4.96 10.37 4.52
C GLN B 20 4.26 9.09 4.96
N LEU B 21 4.64 7.99 4.32
CA LEU B 21 4.05 6.70 4.65
C LEU B 21 4.32 6.37 6.11
N ASP B 22 3.35 6.70 6.95
CA ASP B 22 3.47 6.44 8.37
C ASP B 22 3.60 4.93 8.61
N ARG B 23 4.33 4.59 9.65
CA ARG B 23 4.53 3.19 10.00
C ARG B 23 3.21 2.56 10.44
N ASP B 24 2.21 3.41 10.60
CA ASP B 24 0.89 2.95 11.01
C ASP B 24 -0.16 3.49 10.04
N GLN B 25 0.28 3.74 8.82
CA GLN B 25 -0.61 4.26 7.80
C GLN B 25 -0.87 3.19 6.73
N CYS B 26 -1.63 3.60 5.73
CA CYS B 26 -1.97 2.68 4.64
C CYS B 26 -1.37 3.25 3.34
N ALA B 27 -0.84 2.35 2.54
CA ALA B 27 -0.23 2.73 1.28
C ALA B 27 -1.15 2.32 0.12
N TYR B 28 -2.45 2.34 0.41
CA TYR B 28 -3.43 1.96 -0.58
C TYR B 28 -4.52 3.04 -0.70
N CYS B 29 -5.23 3.23 0.39
CA CYS B 29 -6.30 4.21 0.44
C CYS B 29 -5.75 5.51 1.03
N LYS B 30 -4.67 5.35 1.79
CA LYS B 30 -4.03 6.48 2.42
C LYS B 30 -4.63 6.69 3.82
N GLU B 31 -5.19 5.61 4.34
CA GLU B 31 -5.79 5.66 5.67
C GLU B 31 -4.72 5.62 6.76
N LYS B 32 -5.18 5.63 8.00
CA LYS B 32 -4.27 5.60 9.13
C LYS B 32 -4.83 4.66 10.20
N GLY B 33 -4.07 3.61 10.48
CA GLY B 33 -4.47 2.63 11.47
C GLY B 33 -4.26 1.20 10.95
N HIS B 34 -4.67 0.99 9.71
CA HIS B 34 -4.53 -0.31 9.09
C HIS B 34 -3.41 -0.26 8.04
N TRP B 35 -2.87 -1.43 7.75
CA TRP B 35 -1.80 -1.54 6.78
C TRP B 35 -2.42 -1.84 5.42
N ALA B 36 -1.60 -1.73 4.39
CA ALA B 36 -2.06 -1.98 3.03
C ALA B 36 -2.67 -3.39 2.95
N LYS B 37 -1.93 -4.35 3.51
CA LYS B 37 -2.39 -5.72 3.51
C LYS B 37 -3.64 -5.85 4.37
N ASP B 38 -3.93 -4.78 5.10
CA ASP B 38 -5.09 -4.75 5.97
C ASP B 38 -6.06 -3.66 5.48
N CYS B 39 -5.81 -3.20 4.26
CA CYS B 39 -6.65 -2.17 3.68
C CYS B 39 -8.04 -2.77 3.39
N PRO B 40 -9.06 -2.16 4.03
CA PRO B 40 -10.43 -2.64 3.86
C PRO B 40 -10.98 -2.22 2.49
N LYS B 41 -10.15 -1.52 1.74
CA LYS B 41 -10.53 -1.06 0.41
C LYS B 41 -10.15 -2.12 -0.62
N LYS B 42 -9.30 -3.04 -0.20
CA LYS B 42 -8.85 -4.11 -1.08
C LYS B 42 -9.54 -5.41 -0.68
N PRO B 43 -9.68 -6.32 -1.69
CA PRO B 43 -10.31 -7.60 -1.46
C PRO B 43 -9.39 -8.55 -0.69
N ARG B 44 -9.98 -9.64 -0.21
CA ARG B 44 -9.22 -10.62 0.54
C ARG B 44 -7.83 -10.80 -0.07
N GLY B 45 -6.86 -11.01 0.81
CA GLY B 45 -5.48 -11.19 0.38
C GLY B 45 -4.62 -11.78 1.51
N PRO B 46 -3.31 -11.95 1.20
CA PRO B 46 -2.80 -11.60 -0.12
C PRO B 46 -3.22 -12.63 -1.17
N ARG B 47 -2.79 -12.40 -2.40
CA ARG B 47 -3.11 -13.30 -3.49
C ARG B 47 -4.58 -13.72 -3.40
N GLY B 48 -5.43 -12.93 -4.05
CA GLY B 48 -6.86 -13.21 -4.05
C GLY B 48 -7.35 -13.49 -5.47
N PRO B 49 -7.66 -14.79 -5.73
CA PRO B 49 -8.14 -15.21 -7.04
C PRO B 49 -9.60 -14.79 -7.24
N ARG B 50 -10.08 -15.02 -8.45
CA ARG B 50 -11.45 -14.67 -8.78
C ARG B 50 -12.26 -15.94 -9.07
N PRO B 51 -13.58 -15.86 -8.74
CA PRO B 51 -14.48 -16.98 -8.97
C PRO B 51 -14.81 -17.15 -10.45
N GLN B 52 -15.47 -18.26 -10.75
CA GLN B 52 -15.85 -18.55 -12.12
C GLN B 52 -17.23 -17.94 -12.44
N THR B 53 -17.31 -16.63 -12.29
CA THR B 53 -18.55 -15.92 -12.55
C THR B 53 -18.33 -14.82 -13.58
N SER B 54 -17.97 -15.24 -14.79
CA SER B 54 -17.72 -14.31 -15.87
C SER B 54 -19.02 -14.07 -16.66
N LEU B 55 -19.66 -15.18 -17.01
CA LEU B 55 -20.89 -15.11 -17.77
C LEU B 55 -20.81 -13.98 -18.79
N LEU B 56 -19.87 -14.13 -19.71
CA LEU B 56 -19.67 -13.12 -20.74
C LEU B 56 -19.74 -13.80 -22.13
N ALA B 1 -8.00 46.55 13.09
CA ALA B 1 -8.32 45.13 13.02
C ALA B 1 -8.05 44.47 14.37
N THR B 2 -8.64 43.30 14.56
CA THR B 2 -8.47 42.57 15.80
C THR B 2 -8.40 41.07 15.52
N VAL B 3 -7.19 40.61 15.24
CA VAL B 3 -6.97 39.20 14.96
C VAL B 3 -5.58 38.80 15.46
N VAL B 4 -5.39 38.96 16.77
CA VAL B 4 -4.12 38.61 17.39
C VAL B 4 -4.06 37.10 17.59
N SER B 5 -2.97 36.51 17.13
CA SER B 5 -2.77 35.08 17.26
C SER B 5 -1.39 34.68 16.72
N GLY B 6 -0.83 33.64 17.30
CA GLY B 6 0.47 33.15 16.90
C GLY B 6 0.36 31.78 16.24
N GLN B 7 1.08 31.62 15.14
CA GLN B 7 1.07 30.35 14.42
C GLN B 7 2.42 30.14 13.71
N LYS B 8 2.77 28.87 13.55
CA LYS B 8 4.02 28.51 12.90
C LYS B 8 3.85 27.19 12.16
N GLN B 9 4.82 26.88 11.32
CA GLN B 9 4.78 25.65 10.55
C GLN B 9 6.21 25.23 10.18
N ASP B 10 6.43 23.92 10.19
CA ASP B 10 7.73 23.37 9.86
C ASP B 10 7.55 22.01 9.18
N ARG B 11 7.90 21.97 7.91
CA ARG B 11 7.78 20.73 7.13
C ARG B 11 8.76 20.75 5.96
N GLN B 12 10.01 20.43 6.26
CA GLN B 12 11.04 20.40 5.24
C GLN B 12 11.90 19.14 5.39
N GLY B 13 11.78 18.27 4.41
CA GLY B 13 12.53 17.02 4.43
C GLY B 13 13.47 16.95 3.21
N GLY B 14 14.28 15.90 3.20
CA GLY B 14 15.22 15.69 2.11
C GLY B 14 14.56 15.94 0.77
N GLU B 15 14.02 14.88 0.19
CA GLU B 15 13.35 14.97 -1.10
C GLU B 15 12.60 13.68 -1.40
N ARG B 16 11.50 13.82 -2.12
CA ARG B 16 10.68 12.68 -2.48
C ARG B 16 10.15 11.99 -1.23
N ARG B 17 8.88 12.25 -0.93
CA ARG B 17 8.25 11.66 0.23
C ARG B 17 7.46 10.41 -0.17
N ARG B 18 7.21 9.57 0.82
CA ARG B 18 6.48 8.33 0.59
C ARG B 18 4.97 8.59 0.70
N SER B 19 4.53 9.63 0.01
CA SER B 19 3.12 9.99 0.03
C SER B 19 2.57 9.93 1.45
N GLN B 20 3.18 10.72 2.32
CA GLN B 20 2.77 10.77 3.70
C GLN B 20 2.40 9.37 4.19
N LEU B 21 3.22 8.40 3.81
CA LEU B 21 2.99 7.02 4.20
C LEU B 21 3.81 6.71 5.45
N ASP B 22 3.11 6.72 6.58
CA ASP B 22 3.75 6.44 7.85
C ASP B 22 3.88 4.92 8.03
N ARG B 23 4.68 4.53 9.02
CA ARG B 23 4.88 3.12 9.31
C ARG B 23 3.62 2.51 9.90
N ASP B 24 2.61 3.36 10.10
CA ASP B 24 1.35 2.92 10.65
C ASP B 24 0.20 3.45 9.79
N GLN B 25 0.55 3.79 8.56
CA GLN B 25 -0.43 4.31 7.62
C GLN B 25 -0.61 3.35 6.44
N CYS B 26 -1.81 3.37 5.89
CA CYS B 26 -2.13 2.49 4.76
C CYS B 26 -1.53 3.12 3.50
N ALA B 27 -0.82 2.29 2.75
CA ALA B 27 -0.19 2.75 1.52
C ALA B 27 -1.06 2.34 0.33
N TYR B 28 -2.37 2.30 0.57
CA TYR B 28 -3.31 1.93 -0.47
C TYR B 28 -4.41 2.98 -0.61
N CYS B 29 -5.17 3.15 0.46
CA CYS B 29 -6.26 4.11 0.46
C CYS B 29 -5.72 5.44 1.03
N LYS B 30 -4.73 5.31 1.90
CA LYS B 30 -4.13 6.48 2.51
C LYS B 30 -4.76 6.72 3.89
N GLU B 31 -5.25 5.64 4.47
CA GLU B 31 -5.88 5.71 5.78
C GLU B 31 -4.92 5.20 6.86
N LYS B 32 -4.82 5.98 7.93
CA LYS B 32 -3.95 5.62 9.03
C LYS B 32 -4.72 4.73 10.02
N GLY B 33 -4.02 3.74 10.53
CA GLY B 33 -4.62 2.82 11.48
C GLY B 33 -4.45 1.36 11.03
N HIS B 34 -4.60 1.18 9.72
CA HIS B 34 -4.46 -0.15 9.14
C HIS B 34 -3.40 -0.12 8.04
N TRP B 35 -2.88 -1.31 7.72
CA TRP B 35 -1.86 -1.44 6.71
C TRP B 35 -2.55 -1.79 5.39
N ALA B 36 -1.82 -1.57 4.31
CA ALA B 36 -2.34 -1.86 2.97
C ALA B 36 -2.69 -3.35 2.89
N LYS B 37 -1.89 -4.15 3.56
CA LYS B 37 -2.10 -5.59 3.57
C LYS B 37 -3.40 -5.91 4.30
N ASP B 38 -3.95 -4.89 4.94
CA ASP B 38 -5.20 -5.05 5.68
C ASP B 38 -6.17 -3.93 5.27
N CYS B 39 -5.95 -3.41 4.08
CA CYS B 39 -6.79 -2.34 3.56
C CYS B 39 -8.20 -2.91 3.34
N PRO B 40 -9.22 -2.16 3.85
CA PRO B 40 -10.60 -2.57 3.70
C PRO B 40 -11.09 -2.35 2.27
N LYS B 41 -10.20 -1.84 1.44
CA LYS B 41 -10.53 -1.58 0.05
C LYS B 41 -10.08 -2.76 -0.81
N LYS B 42 -9.16 -3.54 -0.27
CA LYS B 42 -8.64 -4.70 -0.97
C LYS B 42 -9.75 -5.75 -1.10
N PRO B 43 -10.18 -5.97 -2.37
CA PRO B 43 -11.23 -6.94 -2.64
C PRO B 43 -10.71 -8.37 -2.54
N ARG B 44 -10.39 -8.76 -1.31
CA ARG B 44 -9.88 -10.09 -1.06
C ARG B 44 -11.00 -11.12 -1.15
N GLY B 45 -10.72 -12.20 -1.87
CA GLY B 45 -11.70 -13.26 -2.04
C GLY B 45 -11.52 -13.95 -3.40
N PRO B 46 -12.40 -14.94 -3.66
CA PRO B 46 -13.44 -15.29 -2.71
C PRO B 46 -12.85 -16.08 -1.53
N ARG B 47 -12.16 -17.15 -1.87
CA ARG B 47 -11.54 -17.99 -0.86
C ARG B 47 -10.58 -17.18 0.01
N GLY B 48 -10.51 -17.54 1.27
CA GLY B 48 -9.64 -16.85 2.21
C GLY B 48 -9.55 -17.62 3.53
N PRO B 49 -9.42 -16.83 4.64
CA PRO B 49 -9.32 -17.43 5.96
C PRO B 49 -10.68 -17.95 6.44
N ARG B 50 -11.23 -18.86 5.65
CA ARG B 50 -12.52 -19.45 5.97
C ARG B 50 -12.64 -20.84 5.35
N PRO B 51 -13.39 -21.73 6.07
CA PRO B 51 -13.59 -23.09 5.60
C PRO B 51 -14.59 -23.13 4.45
N GLN B 52 -14.49 -24.17 3.64
CA GLN B 52 -15.39 -24.33 2.51
C GLN B 52 -16.47 -25.36 2.83
N THR B 53 -17.35 -24.97 3.76
CA THR B 53 -18.44 -25.83 4.16
C THR B 53 -19.18 -26.38 2.94
N SER B 54 -19.63 -27.62 3.06
CA SER B 54 -20.35 -28.25 1.98
C SER B 54 -21.42 -29.19 2.54
N LEU B 55 -22.35 -29.57 1.68
CA LEU B 55 -23.43 -30.45 2.08
C LEU B 55 -22.93 -31.90 2.07
N LEU B 56 -23.82 -32.81 2.42
CA LEU B 56 -23.49 -34.22 2.46
C LEU B 56 -23.01 -34.66 1.08
N ALA B 1 35.05 -4.92 35.59
CA ALA B 1 35.18 -5.61 34.32
C ALA B 1 34.09 -5.11 33.37
N THR B 2 34.47 -4.98 32.11
CA THR B 2 33.54 -4.51 31.09
C THR B 2 34.14 -4.69 29.70
N VAL B 3 33.29 -5.08 28.77
CA VAL B 3 33.72 -5.29 27.39
C VAL B 3 32.74 -4.60 26.44
N VAL B 4 33.25 -4.21 25.29
CA VAL B 4 32.44 -3.54 24.29
C VAL B 4 32.97 -3.89 22.89
N SER B 5 32.09 -4.50 22.10
CA SER B 5 32.45 -4.89 20.76
C SER B 5 31.19 -5.28 19.97
N GLY B 6 31.15 -4.83 18.73
CA GLY B 6 30.01 -5.12 17.86
C GLY B 6 30.26 -4.61 16.45
N GLN B 7 29.24 -4.75 15.61
CA GLN B 7 29.32 -4.32 14.24
C GLN B 7 28.47 -3.06 14.01
N LYS B 8 28.76 -2.37 12.92
CA LYS B 8 28.04 -1.16 12.59
C LYS B 8 27.99 -1.00 11.07
N GLN B 9 26.85 -1.36 10.50
CA GLN B 9 26.67 -1.27 9.07
C GLN B 9 25.70 -0.13 8.73
N ASP B 10 26.18 0.78 7.88
CA ASP B 10 25.37 1.91 7.47
C ASP B 10 25.11 1.84 5.96
N ARG B 11 23.85 1.95 5.61
CA ARG B 11 23.46 1.89 4.21
C ARG B 11 23.12 3.29 3.70
N GLN B 12 24.01 3.84 2.89
CA GLN B 12 23.82 5.16 2.33
C GLN B 12 22.38 5.31 1.82
N GLY B 13 21.77 6.43 2.19
CA GLY B 13 20.41 6.71 1.79
C GLY B 13 19.41 6.23 2.84
N GLY B 14 18.14 6.25 2.45
CA GLY B 14 17.09 5.82 3.35
C GLY B 14 15.79 5.55 2.58
N GLU B 15 14.85 6.47 2.73
CA GLU B 15 13.56 6.33 2.05
C GLU B 15 13.73 6.59 0.54
N ARG B 16 12.86 5.95 -0.22
CA ARG B 16 12.90 6.10 -1.67
C ARG B 16 11.73 6.96 -2.14
N ARG B 17 10.53 6.52 -1.81
CA ARG B 17 9.33 7.24 -2.20
C ARG B 17 8.15 6.83 -1.31
N ARG B 18 8.02 7.55 -0.20
CA ARG B 18 6.95 7.28 0.74
C ARG B 18 6.15 8.55 1.03
N SER B 19 5.54 9.08 -0.02
CA SER B 19 4.75 10.29 0.11
C SER B 19 3.91 10.24 1.39
N GLN B 20 4.43 10.90 2.42
CA GLN B 20 3.74 10.93 3.71
C GLN B 20 3.10 9.58 4.01
N LEU B 21 3.93 8.54 3.94
CA LEU B 21 3.47 7.19 4.20
C LEU B 21 4.03 6.71 5.54
N ASP B 22 3.32 7.07 6.60
CA ASP B 22 3.73 6.69 7.95
C ASP B 22 3.88 5.17 8.02
N ARG B 23 4.65 4.73 8.99
CA ARG B 23 4.88 3.30 9.18
C ARG B 23 3.60 2.63 9.67
N ASP B 24 2.59 3.44 9.94
CA ASP B 24 1.31 2.94 10.41
C ASP B 24 0.19 3.52 9.54
N GLN B 25 0.57 3.95 8.34
CA GLN B 25 -0.39 4.52 7.42
C GLN B 25 -0.56 3.61 6.19
N CYS B 26 -1.81 3.32 5.89
CA CYS B 26 -2.12 2.46 4.76
C CYS B 26 -1.52 3.10 3.50
N ALA B 27 -0.80 2.27 2.75
CA ALA B 27 -0.17 2.74 1.52
C ALA B 27 -1.04 2.34 0.33
N TYR B 28 -2.34 2.32 0.57
CA TYR B 28 -3.28 1.95 -0.48
C TYR B 28 -4.37 3.01 -0.62
N CYS B 29 -5.14 3.16 0.45
CA CYS B 29 -6.22 4.14 0.46
C CYS B 29 -5.68 5.45 1.04
N LYS B 30 -4.76 5.31 1.98
CA LYS B 30 -4.16 6.48 2.61
C LYS B 30 -4.83 6.70 3.97
N GLU B 31 -5.28 5.62 4.56
CA GLU B 31 -5.93 5.68 5.87
C GLU B 31 -5.00 5.15 6.95
N LYS B 32 -4.77 6.00 7.95
CA LYS B 32 -3.90 5.63 9.06
C LYS B 32 -4.68 4.76 10.04
N GLY B 33 -4.02 3.71 10.50
CA GLY B 33 -4.63 2.78 11.44
C GLY B 33 -4.46 1.34 10.98
N HIS B 34 -4.66 1.13 9.69
CA HIS B 34 -4.54 -0.20 9.11
C HIS B 34 -3.46 -0.18 8.03
N TRP B 35 -2.90 -1.36 7.78
CA TRP B 35 -1.86 -1.50 6.78
C TRP B 35 -2.53 -1.85 5.44
N ALA B 36 -1.78 -1.62 4.37
CA ALA B 36 -2.30 -1.90 3.04
C ALA B 36 -2.66 -3.38 2.94
N LYS B 37 -1.88 -4.20 3.63
CA LYS B 37 -2.12 -5.63 3.62
C LYS B 37 -3.45 -5.94 4.30
N ASP B 38 -3.98 -4.92 4.96
CA ASP B 38 -5.26 -5.06 5.65
C ASP B 38 -6.19 -3.91 5.24
N CYS B 39 -5.95 -3.41 4.04
CA CYS B 39 -6.76 -2.32 3.51
C CYS B 39 -8.18 -2.84 3.29
N PRO B 40 -9.16 -2.11 3.90
CA PRO B 40 -10.56 -2.49 3.77
C PRO B 40 -11.11 -2.12 2.40
N LYS B 41 -10.23 -1.54 1.58
CA LYS B 41 -10.61 -1.14 0.24
C LYS B 41 -10.12 -2.18 -0.76
N LYS B 42 -9.16 -2.99 -0.31
CA LYS B 42 -8.60 -4.02 -1.16
C LYS B 42 -9.71 -4.99 -1.58
N PRO B 43 -9.50 -5.63 -2.75
CA PRO B 43 -10.47 -6.58 -3.28
C PRO B 43 -10.42 -7.90 -2.51
N ARG B 44 -11.55 -8.24 -1.90
CA ARG B 44 -11.65 -9.47 -1.13
C ARG B 44 -11.10 -10.64 -1.94
N GLY B 45 -10.13 -11.33 -1.35
CA GLY B 45 -9.51 -12.47 -2.00
C GLY B 45 -9.05 -12.11 -3.40
N PRO B 46 -8.44 -13.12 -4.08
CA PRO B 46 -8.26 -14.42 -3.48
C PRO B 46 -7.13 -14.40 -2.44
N ARG B 47 -6.55 -13.23 -2.28
CA ARG B 47 -5.46 -13.06 -1.33
C ARG B 47 -4.18 -13.71 -1.86
N GLY B 48 -3.46 -12.94 -2.66
CA GLY B 48 -2.22 -13.43 -3.24
C GLY B 48 -1.91 -12.73 -4.56
N PRO B 49 -1.03 -11.69 -4.47
CA PRO B 49 -0.65 -10.93 -5.64
C PRO B 49 0.33 -11.72 -6.52
N ARG B 50 -0.21 -12.76 -7.14
CA ARG B 50 0.60 -13.61 -8.01
C ARG B 50 1.72 -14.27 -7.21
N PRO B 51 1.75 -15.63 -7.27
CA PRO B 51 2.77 -16.38 -6.56
C PRO B 51 4.11 -16.29 -7.26
N GLN B 52 4.62 -15.07 -7.36
CA GLN B 52 5.89 -14.83 -8.01
C GLN B 52 6.25 -13.34 -7.94
N THR B 53 7.05 -13.01 -6.94
CA THR B 53 7.47 -11.62 -6.76
C THR B 53 8.31 -11.16 -7.94
N SER B 54 7.65 -10.48 -8.87
CA SER B 54 8.31 -9.97 -10.06
C SER B 54 8.85 -8.57 -9.79
N LEU B 55 10.08 -8.34 -10.24
CA LEU B 55 10.72 -7.05 -10.06
C LEU B 55 11.87 -6.91 -11.06
N LEU B 56 12.25 -5.66 -11.30
CA LEU B 56 13.34 -5.39 -12.23
C LEU B 56 14.51 -6.32 -11.94
N ALA B 1 2.59 -26.80 -10.23
CA ALA B 1 1.18 -26.60 -9.94
C ALA B 1 0.52 -25.91 -11.14
N THR B 2 1.01 -24.70 -11.43
CA THR B 2 0.47 -23.93 -12.54
C THR B 2 1.61 -23.38 -13.40
N VAL B 3 1.30 -23.15 -14.65
CA VAL B 3 2.28 -22.63 -15.60
C VAL B 3 2.22 -21.10 -15.59
N VAL B 4 2.92 -20.52 -14.61
CA VAL B 4 2.95 -19.07 -14.47
C VAL B 4 4.22 -18.54 -15.15
N SER B 5 4.00 -17.68 -16.14
CA SER B 5 5.10 -17.09 -16.87
C SER B 5 5.05 -15.56 -16.77
N GLY B 6 5.98 -15.02 -16.00
CA GLY B 6 6.05 -13.57 -15.81
C GLY B 6 6.90 -12.92 -16.90
N GLN B 7 6.39 -12.95 -18.11
CA GLN B 7 7.09 -12.37 -19.24
C GLN B 7 6.96 -10.84 -19.21
N LYS B 8 7.94 -10.20 -18.60
CA LYS B 8 7.95 -8.75 -18.51
C LYS B 8 9.35 -8.28 -18.13
N GLN B 9 9.68 -7.09 -18.60
CA GLN B 9 10.99 -6.51 -18.32
C GLN B 9 10.84 -5.04 -17.91
N ASP B 10 11.06 -4.79 -16.63
CA ASP B 10 10.95 -3.44 -16.10
C ASP B 10 11.81 -2.50 -16.94
N ARG B 11 11.36 -1.26 -17.03
CA ARG B 11 12.08 -0.25 -17.80
C ARG B 11 12.06 1.09 -17.07
N GLN B 12 13.16 1.81 -17.20
CA GLN B 12 13.28 3.11 -16.55
C GLN B 12 13.50 2.94 -15.05
N GLY B 13 12.52 2.33 -14.40
CA GLY B 13 12.61 2.10 -12.96
C GLY B 13 11.35 2.61 -12.26
N GLY B 14 11.53 3.72 -11.56
CA GLY B 14 10.42 4.33 -10.84
C GLY B 14 10.92 5.42 -9.88
N GLU B 15 11.32 4.99 -8.70
CA GLU B 15 11.83 5.91 -7.69
C GLU B 15 10.90 7.12 -7.58
N ARG B 16 9.98 7.03 -6.63
CA ARG B 16 9.04 8.11 -6.40
C ARG B 16 8.79 8.31 -4.90
N ARG B 17 8.54 9.55 -4.53
CA ARG B 17 8.30 9.87 -3.13
C ARG B 17 6.96 9.30 -2.68
N ARG B 18 6.82 9.15 -1.37
CA ARG B 18 5.59 8.62 -0.80
C ARG B 18 5.05 9.56 0.28
N SER B 19 5.01 10.84 -0.07
CA SER B 19 4.53 11.85 0.87
C SER B 19 5.14 11.62 2.25
N GLN B 20 4.39 10.92 3.09
CA GLN B 20 4.85 10.62 4.44
C GLN B 20 4.34 9.26 4.89
N LEU B 21 4.47 8.28 3.99
CA LEU B 21 4.02 6.93 4.28
C LEU B 21 4.44 6.56 5.70
N ASP B 22 3.49 6.70 6.62
CA ASP B 22 3.74 6.39 8.01
C ASP B 22 3.85 4.87 8.18
N ARG B 23 4.61 4.48 9.19
CA ARG B 23 4.81 3.07 9.47
C ARG B 23 3.50 2.42 9.94
N ASP B 24 2.49 3.27 10.10
CA ASP B 24 1.19 2.78 10.53
C ASP B 24 0.10 3.43 9.66
N GLN B 25 0.50 3.80 8.46
CA GLN B 25 -0.42 4.43 7.52
C GLN B 25 -0.59 3.56 6.27
N CYS B 26 -1.84 3.27 5.95
CA CYS B 26 -2.13 2.45 4.79
C CYS B 26 -1.52 3.11 3.57
N ALA B 27 -0.88 2.30 2.74
CA ALA B 27 -0.24 2.79 1.54
C ALA B 27 -1.12 2.46 0.32
N TYR B 28 -2.42 2.43 0.57
CA TYR B 28 -3.37 2.13 -0.49
C TYR B 28 -4.49 3.17 -0.54
N CYS B 29 -5.25 3.23 0.54
CA CYS B 29 -6.35 4.18 0.64
C CYS B 29 -5.82 5.46 1.28
N LYS B 30 -4.57 5.40 1.71
CA LYS B 30 -3.94 6.54 2.34
C LYS B 30 -4.54 6.75 3.74
N GLU B 31 -5.10 5.68 4.27
CA GLU B 31 -5.71 5.72 5.59
C GLU B 31 -4.65 5.52 6.67
N LYS B 32 -5.05 5.78 7.90
CA LYS B 32 -4.16 5.63 9.03
C LYS B 32 -4.81 4.74 10.09
N GLY B 33 -4.07 3.72 10.50
CA GLY B 33 -4.57 2.79 11.49
C GLY B 33 -4.36 1.34 11.05
N HIS B 34 -4.65 1.11 9.77
CA HIS B 34 -4.50 -0.23 9.21
C HIS B 34 -3.39 -0.21 8.14
N TRP B 35 -2.94 -1.40 7.80
CA TRP B 35 -1.89 -1.54 6.80
C TRP B 35 -2.56 -1.89 5.46
N ALA B 36 -1.82 -1.64 4.39
CA ALA B 36 -2.32 -1.91 3.06
C ALA B 36 -2.68 -3.39 2.95
N LYS B 37 -1.86 -4.21 3.59
CA LYS B 37 -2.08 -5.65 3.57
C LYS B 37 -3.40 -5.97 4.27
N ASP B 38 -3.93 -4.98 4.96
CA ASP B 38 -5.18 -5.14 5.67
C ASP B 38 -6.13 -4.00 5.29
N CYS B 39 -5.95 -3.52 4.07
CA CYS B 39 -6.78 -2.43 3.56
C CYS B 39 -8.20 -2.97 3.34
N PRO B 40 -9.20 -2.21 3.85
CA PRO B 40 -10.59 -2.60 3.72
C PRO B 40 -11.09 -2.36 2.29
N LYS B 41 -10.19 -1.87 1.46
CA LYS B 41 -10.53 -1.58 0.07
C LYS B 41 -9.98 -2.69 -0.81
N LYS B 42 -9.04 -3.45 -0.26
CA LYS B 42 -8.43 -4.55 -0.98
C LYS B 42 -9.48 -5.63 -1.26
N PRO B 43 -9.64 -5.94 -2.57
CA PRO B 43 -10.61 -6.95 -2.98
C PRO B 43 -10.11 -8.36 -2.65
N ARG B 44 -10.54 -8.86 -1.51
CA ARG B 44 -10.15 -10.19 -1.07
C ARG B 44 -8.63 -10.26 -0.91
N GLY B 45 -8.19 -10.03 0.32
CA GLY B 45 -6.77 -10.06 0.62
C GLY B 45 -6.48 -11.02 1.79
N PRO B 46 -5.17 -11.17 2.10
CA PRO B 46 -4.14 -10.46 1.35
C PRO B 46 -3.92 -11.09 -0.01
N ARG B 47 -3.30 -10.32 -0.90
CA ARG B 47 -3.03 -10.79 -2.24
C ARG B 47 -1.91 -11.82 -2.23
N GLY B 48 -1.76 -12.52 -3.35
CA GLY B 48 -0.74 -13.54 -3.48
C GLY B 48 0.62 -13.00 -3.05
N PRO B 49 1.53 -13.94 -2.66
CA PRO B 49 2.87 -13.58 -2.23
C PRO B 49 3.73 -13.18 -3.42
N ARG B 50 3.39 -12.05 -4.02
CA ARG B 50 4.12 -11.56 -5.16
C ARG B 50 5.63 -11.62 -4.89
N PRO B 51 6.39 -11.94 -5.97
CA PRO B 51 7.84 -12.03 -5.87
C PRO B 51 8.48 -10.64 -5.78
N GLN B 52 8.81 -10.26 -4.55
CA GLN B 52 9.43 -8.96 -4.32
C GLN B 52 10.45 -9.06 -3.18
N THR B 53 11.63 -8.52 -3.44
CA THR B 53 12.70 -8.53 -2.46
C THR B 53 13.13 -7.10 -2.12
N SER B 54 13.53 -6.92 -0.87
CA SER B 54 13.97 -5.61 -0.41
C SER B 54 15.40 -5.71 0.14
N LEU B 55 16.06 -4.57 0.17
CA LEU B 55 17.42 -4.51 0.67
C LEU B 55 17.44 -4.89 2.15
N LEU B 56 17.91 -6.10 2.41
CA LEU B 56 17.99 -6.59 3.78
C LEU B 56 19.43 -6.95 4.12
N ALA B 1 -26.96 3.95 -11.47
CA ALA B 1 -27.79 5.13 -11.62
C ALA B 1 -27.55 5.74 -13.01
N THR B 2 -28.65 6.12 -13.65
CA THR B 2 -28.57 6.72 -14.97
C THR B 2 -28.98 8.19 -14.92
N VAL B 3 -28.29 9.00 -15.71
CA VAL B 3 -28.58 10.42 -15.77
C VAL B 3 -28.52 11.00 -14.35
N VAL B 4 -27.30 11.24 -13.90
CA VAL B 4 -27.10 11.80 -12.57
C VAL B 4 -26.06 12.92 -12.65
N SER B 5 -26.32 13.97 -11.87
CA SER B 5 -25.42 15.11 -11.84
C SER B 5 -23.97 14.64 -11.73
N GLY B 6 -23.21 14.92 -12.78
CA GLY B 6 -21.81 14.54 -12.81
C GLY B 6 -20.91 15.73 -12.52
N GLN B 7 -19.69 15.42 -12.08
CA GLN B 7 -18.73 16.45 -11.77
C GLN B 7 -17.44 16.27 -12.59
N LYS B 8 -16.92 17.38 -13.06
CA LYS B 8 -15.70 17.35 -13.87
C LYS B 8 -14.55 17.91 -13.05
N GLN B 9 -13.35 17.81 -13.62
CA GLN B 9 -12.15 18.31 -12.95
C GLN B 9 -11.92 17.55 -11.65
N ASP B 10 -10.73 17.00 -11.52
CA ASP B 10 -10.37 16.25 -10.32
C ASP B 10 -8.84 16.20 -10.21
N ARG B 11 -8.37 16.54 -9.02
CA ARG B 11 -6.94 16.54 -8.76
C ARG B 11 -6.34 15.18 -9.11
N GLN B 12 -5.16 15.23 -9.73
CA GLN B 12 -4.48 14.01 -10.13
C GLN B 12 -3.04 14.33 -10.54
N GLY B 13 -2.12 14.07 -9.62
CA GLY B 13 -0.71 14.33 -9.88
C GLY B 13 0.05 14.54 -8.57
N GLY B 14 1.13 13.80 -8.42
CA GLY B 14 1.95 13.90 -7.22
C GLY B 14 3.41 13.52 -7.53
N GLU B 15 4.32 14.21 -6.86
CA GLU B 15 5.73 13.95 -7.05
C GLU B 15 6.23 12.95 -6.01
N ARG B 16 6.06 13.32 -4.74
CA ARG B 16 6.47 12.46 -3.65
C ARG B 16 5.56 11.23 -3.55
N ARG B 17 6.16 10.13 -3.12
CA ARG B 17 5.41 8.89 -2.98
C ARG B 17 5.07 8.64 -1.51
N ARG B 18 6.11 8.42 -0.72
CA ARG B 18 5.92 8.17 0.70
C ARG B 18 6.14 9.46 1.50
N SER B 19 5.80 10.57 0.87
CA SER B 19 5.95 11.88 1.51
C SER B 19 5.67 11.76 3.00
N GLN B 20 4.51 11.17 3.31
CA GLN B 20 4.10 10.99 4.70
C GLN B 20 3.59 9.56 4.92
N LEU B 21 4.37 8.61 4.45
CA LEU B 21 4.01 7.21 4.59
C LEU B 21 4.33 6.74 6.01
N ASP B 22 3.45 7.08 6.93
CA ASP B 22 3.62 6.70 8.32
C ASP B 22 3.79 5.18 8.42
N ARG B 23 4.46 4.76 9.47
CA ARG B 23 4.69 3.34 9.70
C ARG B 23 3.36 2.62 9.97
N ASP B 24 2.32 3.42 10.14
CA ASP B 24 1.00 2.88 10.41
C ASP B 24 -0.02 3.53 9.47
N GLN B 25 0.48 3.98 8.32
CA GLN B 25 -0.36 4.63 7.34
C GLN B 25 -0.53 3.72 6.11
N CYS B 26 -1.78 3.35 5.85
CA CYS B 26 -2.08 2.50 4.72
C CYS B 26 -1.48 3.13 3.47
N ALA B 27 -0.81 2.30 2.69
CA ALA B 27 -0.17 2.77 1.46
C ALA B 27 -1.06 2.40 0.27
N TYR B 28 -2.36 2.37 0.53
CA TYR B 28 -3.32 2.03 -0.51
C TYR B 28 -4.42 3.09 -0.60
N CYS B 29 -5.18 3.21 0.47
CA CYS B 29 -6.26 4.18 0.53
C CYS B 29 -5.71 5.47 1.11
N LYS B 30 -4.69 5.33 1.94
CA LYS B 30 -4.06 6.48 2.57
C LYS B 30 -4.71 6.74 3.93
N GLU B 31 -5.20 5.65 4.52
CA GLU B 31 -5.84 5.74 5.82
C GLU B 31 -4.92 5.18 6.91
N LYS B 32 -4.76 5.96 7.96
CA LYS B 32 -3.91 5.56 9.06
C LYS B 32 -4.73 4.72 10.06
N GLY B 33 -4.12 3.65 10.54
CA GLY B 33 -4.78 2.78 11.49
C GLY B 33 -4.70 1.32 11.03
N HIS B 34 -4.57 1.14 9.73
CA HIS B 34 -4.47 -0.20 9.16
C HIS B 34 -3.40 -0.21 8.07
N TRP B 35 -2.88 -1.41 7.81
CA TRP B 35 -1.85 -1.57 6.81
C TRP B 35 -2.53 -1.90 5.48
N ALA B 36 -1.79 -1.66 4.40
CA ALA B 36 -2.32 -1.93 3.07
C ALA B 36 -2.67 -3.41 2.94
N LYS B 37 -1.89 -4.23 3.66
CA LYS B 37 -2.11 -5.67 3.64
C LYS B 37 -3.43 -5.99 4.32
N ASP B 38 -4.00 -4.97 4.95
CA ASP B 38 -5.26 -5.13 5.66
C ASP B 38 -6.22 -4.00 5.24
N CYS B 39 -5.95 -3.43 4.07
CA CYS B 39 -6.77 -2.36 3.56
C CYS B 39 -8.18 -2.91 3.33
N PRO B 40 -9.18 -2.13 3.83
CA PRO B 40 -10.57 -2.52 3.68
C PRO B 40 -11.06 -2.30 2.25
N LYS B 41 -10.16 -1.82 1.42
CA LYS B 41 -10.49 -1.56 0.02
C LYS B 41 -10.00 -2.72 -0.84
N LYS B 42 -9.06 -3.48 -0.27
CA LYS B 42 -8.50 -4.62 -0.98
C LYS B 42 -9.60 -5.66 -1.19
N PRO B 43 -9.98 -5.86 -2.49
CA PRO B 43 -11.01 -6.82 -2.84
C PRO B 43 -10.48 -8.25 -2.74
N ARG B 44 -9.26 -8.43 -3.25
CA ARG B 44 -8.63 -9.73 -3.23
C ARG B 44 -9.61 -10.81 -3.70
N GLY B 45 -9.16 -12.06 -3.64
CA GLY B 45 -9.99 -13.18 -4.06
C GLY B 45 -9.39 -13.88 -5.27
N PRO B 46 -10.07 -14.98 -5.69
CA PRO B 46 -11.27 -15.42 -5.00
C PRO B 46 -10.93 -16.10 -3.67
N ARG B 47 -10.13 -17.15 -3.77
CA ARG B 47 -9.72 -17.89 -2.59
C ARG B 47 -10.91 -18.66 -2.01
N GLY B 48 -10.78 -19.99 -2.03
CA GLY B 48 -11.84 -20.84 -1.52
C GLY B 48 -13.11 -20.72 -2.36
N PRO B 49 -13.95 -21.79 -2.28
CA PRO B 49 -15.20 -21.80 -3.02
C PRO B 49 -16.24 -20.88 -2.37
N ARG B 50 -17.21 -20.48 -3.18
CA ARG B 50 -18.27 -19.60 -2.69
C ARG B 50 -17.67 -18.45 -1.90
N PRO B 51 -17.46 -17.30 -2.60
CA PRO B 51 -16.90 -16.12 -1.97
C PRO B 51 -17.94 -15.42 -1.09
N GLN B 52 -17.62 -15.34 0.19
CA GLN B 52 -18.52 -14.69 1.13
C GLN B 52 -19.93 -15.28 1.01
N THR B 53 -20.14 -16.38 1.72
CA THR B 53 -21.44 -17.04 1.69
C THR B 53 -21.98 -17.22 3.11
N SER B 54 -22.05 -16.09 3.81
CA SER B 54 -22.55 -16.09 5.18
C SER B 54 -23.73 -15.14 5.32
N LEU B 55 -24.48 -15.33 6.39
CA LEU B 55 -25.64 -14.49 6.65
C LEU B 55 -25.24 -13.34 7.57
N LEU B 56 -24.52 -12.39 7.00
CA LEU B 56 -24.07 -11.23 7.75
C LEU B 56 -25.26 -10.34 8.07
N ALA B 1 2.72 43.69 18.17
CA ALA B 1 2.11 42.48 17.63
C ALA B 1 3.13 41.75 16.74
N THR B 2 3.79 40.76 17.32
CA THR B 2 4.77 40.00 16.59
C THR B 2 4.55 38.49 16.81
N VAL B 3 4.14 37.83 15.74
CA VAL B 3 3.89 36.40 15.81
C VAL B 3 4.09 35.79 14.42
N VAL B 4 5.06 34.89 14.34
CA VAL B 4 5.37 34.23 13.08
C VAL B 4 5.88 32.81 13.37
N SER B 5 5.20 31.84 12.78
CA SER B 5 5.57 30.45 12.96
C SER B 5 5.21 29.64 11.72
N GLY B 6 6.24 29.13 11.05
CA GLY B 6 6.04 28.33 9.85
C GLY B 6 7.06 27.21 9.77
N GLN B 7 6.69 26.07 10.35
CA GLN B 7 7.56 24.90 10.34
C GLN B 7 7.10 23.89 9.29
N LYS B 8 7.99 23.59 8.36
CA LYS B 8 7.68 22.63 7.31
C LYS B 8 8.98 22.21 6.62
N GLN B 9 9.25 20.91 6.68
CA GLN B 9 10.44 20.36 6.07
C GLN B 9 10.30 20.33 4.55
N ASP B 10 11.44 20.35 3.87
CA ASP B 10 11.45 20.32 2.42
C ASP B 10 12.09 19.02 1.95
N ARG B 11 11.26 18.02 1.72
CA ARG B 11 11.73 16.72 1.25
C ARG B 11 10.58 15.91 0.67
N GLN B 12 10.80 15.40 -0.53
CA GLN B 12 9.80 14.60 -1.20
C GLN B 12 10.30 13.17 -1.41
N GLY B 13 9.54 12.23 -0.86
CA GLY B 13 9.90 10.83 -0.97
C GLY B 13 9.67 10.31 -2.39
N GLY B 14 10.73 9.77 -2.97
CA GLY B 14 10.66 9.24 -4.33
C GLY B 14 10.22 10.32 -5.31
N GLU B 15 9.06 10.08 -5.92
CA GLU B 15 8.51 11.02 -6.88
C GLU B 15 7.36 11.81 -6.26
N ARG B 16 6.32 11.07 -5.90
CA ARG B 16 5.14 11.69 -5.30
C ARG B 16 4.08 10.62 -5.02
N ARG B 17 4.13 10.09 -3.81
CA ARG B 17 3.19 9.07 -3.40
C ARG B 17 3.49 8.59 -1.97
N ARG B 18 4.69 8.06 -1.81
CA ARG B 18 5.11 7.56 -0.51
C ARG B 18 4.83 8.61 0.57
N SER B 19 4.96 9.87 0.18
CA SER B 19 4.72 10.97 1.10
C SER B 19 5.27 10.62 2.48
N GLN B 20 4.58 11.13 3.50
CA GLN B 20 4.98 10.87 4.87
C GLN B 20 4.40 9.54 5.36
N LEU B 21 4.56 8.53 4.52
CA LEU B 21 4.06 7.20 4.85
C LEU B 21 4.33 6.91 6.32
N ASP B 22 3.25 6.84 7.08
CA ASP B 22 3.35 6.57 8.51
C ASP B 22 3.50 5.06 8.73
N ARG B 23 4.26 4.71 9.76
CA ARG B 23 4.49 3.31 10.08
C ARG B 23 3.19 2.65 10.52
N ASP B 24 2.16 3.48 10.68
CA ASP B 24 0.86 2.98 11.09
C ASP B 24 -0.21 3.49 10.12
N GLN B 25 0.21 3.69 8.87
CA GLN B 25 -0.70 4.17 7.85
C GLN B 25 -0.97 3.08 6.82
N CYS B 26 -1.75 3.43 5.81
CA CYS B 26 -2.09 2.49 4.76
C CYS B 26 -1.51 3.02 3.44
N ALA B 27 -0.85 2.12 2.72
CA ALA B 27 -0.25 2.47 1.45
C ALA B 27 -1.18 2.06 0.31
N TYR B 28 -2.48 2.14 0.59
CA TYR B 28 -3.48 1.78 -0.40
C TYR B 28 -4.55 2.88 -0.52
N CYS B 29 -5.26 3.10 0.57
CA CYS B 29 -6.30 4.11 0.59
C CYS B 29 -5.71 5.41 1.16
N LYS B 30 -4.62 5.24 1.90
CA LYS B 30 -3.94 6.38 2.51
C LYS B 30 -4.55 6.64 3.89
N GLU B 31 -5.14 5.60 4.45
CA GLU B 31 -5.75 5.70 5.75
C GLU B 31 -4.69 5.59 6.86
N LYS B 32 -5.08 5.99 8.05
CA LYS B 32 -4.17 5.95 9.19
C LYS B 32 -4.74 4.98 10.24
N GLY B 33 -4.04 3.87 10.40
CA GLY B 33 -4.46 2.87 11.37
C GLY B 33 -4.13 1.46 10.88
N HIS B 34 -4.68 1.11 9.72
CA HIS B 34 -4.43 -0.20 9.14
C HIS B 34 -3.34 -0.10 8.08
N TRP B 35 -2.93 -1.25 7.59
CA TRP B 35 -1.89 -1.31 6.57
C TRP B 35 -2.55 -1.71 5.25
N ALA B 36 -1.80 -1.50 4.17
CA ALA B 36 -2.30 -1.83 2.84
C ALA B 36 -2.64 -3.32 2.80
N LYS B 37 -1.81 -4.11 3.47
CA LYS B 37 -2.02 -5.55 3.50
C LYS B 37 -3.33 -5.86 4.24
N ASP B 38 -3.86 -4.82 4.88
CA ASP B 38 -5.09 -4.97 5.63
C ASP B 38 -6.05 -3.83 5.25
N CYS B 39 -5.92 -3.38 4.01
CA CYS B 39 -6.76 -2.31 3.51
C CYS B 39 -8.17 -2.85 3.31
N PRO B 40 -9.16 -2.15 3.92
CA PRO B 40 -10.55 -2.56 3.80
C PRO B 40 -11.11 -2.22 2.41
N LYS B 41 -10.25 -1.64 1.59
CA LYS B 41 -10.65 -1.26 0.25
C LYS B 41 -10.32 -2.40 -0.71
N LYS B 42 -9.42 -3.26 -0.28
CA LYS B 42 -9.02 -4.40 -1.09
C LYS B 42 -10.26 -5.20 -1.51
N PRO B 43 -10.59 -5.08 -2.82
CA PRO B 43 -11.74 -5.77 -3.36
C PRO B 43 -11.46 -7.27 -3.52
N ARG B 44 -12.53 -8.04 -3.57
CA ARG B 44 -12.41 -9.48 -3.74
C ARG B 44 -13.19 -9.95 -4.97
N GLY B 45 -12.75 -11.08 -5.51
CA GLY B 45 -13.39 -11.65 -6.69
C GLY B 45 -13.69 -13.13 -6.49
N PRO B 46 -14.35 -13.72 -7.51
CA PRO B 46 -14.75 -12.97 -8.69
C PRO B 46 -15.93 -12.05 -8.39
N ARG B 47 -15.89 -10.86 -8.98
CA ARG B 47 -16.97 -9.89 -8.78
C ARG B 47 -17.21 -9.11 -10.07
N GLY B 48 -18.31 -9.44 -10.72
CA GLY B 48 -18.67 -8.76 -11.96
C GLY B 48 -17.62 -9.02 -13.04
N PRO B 49 -18.06 -8.88 -14.32
CA PRO B 49 -17.17 -9.08 -15.45
C PRO B 49 -16.22 -7.90 -15.61
N ARG B 50 -15.07 -8.18 -16.20
CA ARG B 50 -14.07 -7.15 -16.43
C ARG B 50 -14.47 -6.28 -17.63
N PRO B 51 -14.44 -4.94 -17.40
CA PRO B 51 -14.79 -3.99 -18.44
C PRO B 51 -13.67 -3.88 -19.49
N GLN B 52 -14.02 -3.31 -20.62
CA GLN B 52 -13.07 -3.14 -21.70
C GLN B 52 -12.79 -1.65 -21.94
N THR B 53 -11.64 -1.37 -22.52
CA THR B 53 -11.25 0.00 -22.81
C THR B 53 -11.23 0.24 -24.33
N SER B 54 -12.39 0.02 -24.94
CA SER B 54 -12.50 0.21 -26.38
C SER B 54 -12.37 1.70 -26.72
N LEU B 55 -12.11 1.95 -27.99
CA LEU B 55 -11.95 3.32 -28.47
C LEU B 55 -10.76 3.97 -27.75
N LEU B 56 -9.81 4.42 -28.55
CA LEU B 56 -8.62 5.07 -28.02
C LEU B 56 -7.83 4.05 -27.19
#